data_2OO5
#
_entry.id   2OO5
#
_cell.length_a   71.199
_cell.length_b   101.025
_cell.length_c   131.721
_cell.angle_alpha   90.000
_cell.angle_beta   90.000
_cell.angle_gamma   90.000
#
_symmetry.space_group_name_H-M   'P 21 21 21'
#
loop_
_entity.id
_entity.type
_entity.pdbx_description
1 polymer 'NAD(P) transhydrogenase subunit alpha part 1'
2 polymer 'NAD(P) transhydrogenase subunit beta'
3 non-polymer 'SULFATE ION'
4 non-polymer '1,4,5,6-TETRAHYDRONICOTINAMIDE ADENINE DINUCLEOTIDE'
5 non-polymer 'NADP NICOTINAMIDE-ADENINE-DINUCLEOTIDE PHOSPHATE'
6 water water
#
loop_
_entity_poly.entity_id
_entity_poly.type
_entity_poly.pdbx_seq_one_letter_code
_entity_poly.pdbx_strand_id
1 'polypeptide(L)'
;MKIAIPKERRPGEDRVAISPEVVKKLVGLGFEVIVEQGAGVGASITDDALTAAGATIASTAAQALSQADVVWKVQRPMTA
EEGTDEVALIKEGAVLMCHLGALTNRPVVEALTKRKITAYAMELMPRISRAQSMDILSSQSNLAGYRAVIDGAYEFARAF
PMMMTAAGTVPPARVLVFGVGVAGLQAIATAKRLGAVVMATDVRAATKEQVESLGGKFITVDDEAMKTAETAGGYAKEMG
EEFRKKQAEAVLKELVKTDIAITTALIPGKPAPVLITEEMVTKMKPGSVIIDLAVEAGGNCPLSEPGKIVVKHGVKIVGH
TNVPSRVAADASPLFAKNLLNFLTPHVDKDTKTLVMKLEDETVSGTCVTRDGAIVHPALTGQGA
;
A,B
2 'polypeptide(L)'
;SVKAGSAEDAAFIMKNASKVIIVPGYGMAVAQAQHALREMADVLKKEGVEVSYAIHPVAGRMPGHMNVLLAEANVPYDEV
FELEEINSSFQTADVAFVIGANDVTNPAAKTDPSSPIYGMPILDVEKAGTVLFIKRSMASGYAGVENELFFRNNTMMLFG
DAKKMTEQIVQAMN
;
C
#
# COMPACT_ATOMS: atom_id res chain seq x y z
N MET A 1 -39.18 10.95 -25.23
CA MET A 1 -39.14 10.84 -23.74
C MET A 1 -37.79 11.32 -23.21
N LYS A 2 -37.81 12.35 -22.37
CA LYS A 2 -36.59 12.97 -21.83
C LYS A 2 -36.13 12.30 -20.53
N ILE A 3 -34.81 12.15 -20.38
CA ILE A 3 -34.20 11.63 -19.15
C ILE A 3 -33.12 12.61 -18.67
N ALA A 4 -33.09 12.87 -17.35
CA ALA A 4 -32.25 13.92 -16.77
C ALA A 4 -31.49 13.43 -15.55
N ILE A 5 -30.20 13.76 -15.50
CA ILE A 5 -29.33 13.44 -14.37
C ILE A 5 -28.73 14.74 -13.81
N PRO A 6 -29.12 15.14 -12.58
CA PRO A 6 -28.57 16.34 -11.98
C PRO A 6 -27.25 16.07 -11.25
N LYS A 7 -26.65 17.13 -10.71
CA LYS A 7 -25.48 17.03 -9.86
C LYS A 7 -25.95 16.73 -8.43
N GLU A 8 -25.15 15.94 -7.70
CA GLU A 8 -25.47 15.60 -6.32
C GLU A 8 -25.08 16.76 -5.40
N ARG A 9 -26.08 17.40 -4.78
CA ARG A 9 -25.88 18.60 -3.95
C ARG A 9 -25.64 18.29 -2.47
N ARG A 10 -25.91 17.07 -2.03
CA ARG A 10 -25.64 16.67 -0.63
C ARG A 10 -24.15 16.69 -0.30
N PRO A 11 -23.81 17.00 0.98
CA PRO A 11 -22.41 17.20 1.35
C PRO A 11 -21.61 15.91 1.36
N GLY A 12 -20.49 15.90 0.62
CA GLY A 12 -19.62 14.73 0.52
C GLY A 12 -19.91 13.76 -0.62
N GLU A 13 -21.01 13.97 -1.35
CA GLU A 13 -21.40 13.09 -2.45
C GLU A 13 -20.78 13.54 -3.76
N ASP A 14 -19.78 12.79 -4.23
CA ASP A 14 -19.05 13.10 -5.47
C ASP A 14 -19.46 12.23 -6.66
N ARG A 15 -20.32 11.22 -6.42
CA ARG A 15 -20.78 10.34 -7.50
C ARG A 15 -21.83 11.01 -8.37
N VAL A 16 -22.09 10.39 -9.52
CA VAL A 16 -23.14 10.81 -10.43
C VAL A 16 -23.83 9.57 -11.00
N ALA A 17 -25.10 9.71 -11.37
CA ALA A 17 -25.92 8.59 -11.87
C ALA A 17 -25.94 8.50 -13.40
N ILE A 18 -24.77 8.64 -14.03
CA ILE A 18 -24.65 8.54 -15.49
C ILE A 18 -23.19 8.33 -15.87
N SER A 19 -22.94 7.77 -17.06
CA SER A 19 -21.60 7.69 -17.63
C SER A 19 -21.71 7.78 -19.15
N PRO A 20 -20.59 8.11 -19.85
CA PRO A 20 -20.62 8.18 -21.32
C PRO A 20 -21.12 6.92 -22.05
N GLU A 21 -20.74 5.74 -21.56
CA GLU A 21 -21.24 4.49 -22.14
C GLU A 21 -22.77 4.36 -22.00
N VAL A 22 -23.27 4.67 -20.82
CA VAL A 22 -24.71 4.56 -20.52
C VAL A 22 -25.55 5.59 -21.31
N VAL A 23 -24.97 6.76 -21.61
CA VAL A 23 -25.62 7.76 -22.45
C VAL A 23 -25.95 7.20 -23.83
N LYS A 24 -24.96 6.56 -24.46
CA LYS A 24 -25.12 5.95 -25.79
C LYS A 24 -26.26 4.94 -25.85
N LYS A 25 -26.37 4.11 -24.82
CA LYS A 25 -27.40 3.07 -24.75
C LYS A 25 -28.79 3.69 -24.60
N LEU A 26 -28.91 4.72 -23.76
CA LEU A 26 -30.15 5.47 -23.60
C LEU A 26 -30.61 6.15 -24.89
N VAL A 27 -29.66 6.80 -25.57
CA VAL A 27 -29.90 7.36 -26.91
C VAL A 27 -30.31 6.25 -27.89
N GLY A 28 -29.66 5.09 -27.79
CA GLY A 28 -30.03 3.91 -28.57
C GLY A 28 -31.45 3.43 -28.33
N LEU A 29 -31.90 3.51 -27.07
CA LEU A 29 -33.27 3.14 -26.70
C LEU A 29 -34.33 4.15 -27.14
N GLY A 30 -33.89 5.38 -27.46
CA GLY A 30 -34.78 6.44 -27.94
C GLY A 30 -35.02 7.58 -26.96
N PHE A 31 -34.21 7.65 -25.90
CA PHE A 31 -34.30 8.73 -24.91
C PHE A 31 -33.56 9.97 -25.38
N GLU A 32 -34.01 11.13 -24.89
CA GLU A 32 -33.26 12.37 -24.99
C GLU A 32 -32.56 12.57 -23.64
N VAL A 33 -31.23 12.49 -23.63
CA VAL A 33 -30.44 12.51 -22.38
C VAL A 33 -29.94 13.91 -22.05
N ILE A 34 -30.36 14.44 -20.90
CA ILE A 34 -29.89 15.73 -20.37
C ILE A 34 -29.06 15.46 -19.11
N VAL A 35 -27.98 16.22 -18.94
CA VAL A 35 -27.14 16.15 -17.73
C VAL A 35 -26.82 17.58 -17.27
N GLU A 36 -26.80 17.80 -15.96
CA GLU A 36 -26.47 19.12 -15.41
C GLU A 36 -24.97 19.43 -15.61
N GLN A 37 -24.67 20.72 -15.80
CA GLN A 37 -23.28 21.20 -15.96
C GLN A 37 -22.43 20.86 -14.74
N GLY A 38 -21.29 20.21 -14.97
CA GLY A 38 -20.34 19.86 -13.91
C GLY A 38 -20.77 18.75 -12.97
N ALA A 39 -21.74 17.94 -13.39
CA ALA A 39 -22.33 16.90 -12.54
C ALA A 39 -21.36 15.75 -12.27
N GLY A 40 -20.59 15.36 -13.28
CA GLY A 40 -19.63 14.27 -13.17
C GLY A 40 -18.22 14.64 -12.78
N VAL A 41 -18.00 15.86 -12.29
CA VAL A 41 -16.66 16.36 -11.97
C VAL A 41 -16.00 15.52 -10.86
N GLY A 42 -16.77 15.23 -9.82
CA GLY A 42 -16.32 14.36 -8.73
C GLY A 42 -16.03 12.93 -9.11
N ALA A 43 -16.71 12.43 -10.15
CA ALA A 43 -16.45 11.11 -10.73
C ALA A 43 -15.55 11.16 -11.98
N SER A 44 -14.92 12.32 -12.24
CA SER A 44 -14.00 12.51 -13.36
C SER A 44 -14.62 12.22 -14.73
N ILE A 45 -15.92 12.53 -14.87
CA ILE A 45 -16.65 12.41 -16.12
C ILE A 45 -16.96 13.84 -16.55
N THR A 46 -16.33 14.31 -17.61
CA THR A 46 -16.44 15.70 -18.03
C THR A 46 -17.77 15.97 -18.73
N ASP A 47 -18.06 17.24 -18.96
CA ASP A 47 -19.19 17.66 -19.79
C ASP A 47 -18.92 17.28 -21.25
N ASP A 48 -17.70 17.53 -21.71
CA ASP A 48 -17.28 17.20 -23.09
C ASP A 48 -17.47 15.71 -23.41
N ALA A 49 -17.11 14.85 -22.46
CA ALA A 49 -17.30 13.40 -22.61
C ALA A 49 -18.76 13.00 -22.79
N LEU A 50 -19.65 13.66 -22.05
CA LEU A 50 -21.09 13.35 -22.10
C LEU A 50 -21.75 13.83 -23.39
N THR A 51 -21.35 15.00 -23.88
CA THR A 51 -21.83 15.52 -25.15
C THR A 51 -21.37 14.67 -26.34
N ALA A 52 -20.14 14.16 -26.28
CA ALA A 52 -19.62 13.24 -27.28
C ALA A 52 -20.42 11.93 -27.35
N ALA A 53 -20.86 11.45 -26.19
CA ALA A 53 -21.74 10.28 -26.13
C ALA A 53 -23.13 10.54 -26.71
N GLY A 54 -23.58 11.80 -26.67
CA GLY A 54 -24.82 12.23 -27.31
C GLY A 54 -25.86 12.77 -26.34
N ALA A 55 -25.44 13.69 -25.48
CA ALA A 55 -26.31 14.27 -24.45
C ALA A 55 -26.25 15.78 -24.47
N THR A 56 -27.27 16.42 -23.93
CA THR A 56 -27.34 17.88 -23.83
C THR A 56 -26.92 18.30 -22.42
N ILE A 57 -26.04 19.29 -22.34
CA ILE A 57 -25.62 19.88 -21.06
C ILE A 57 -26.51 21.08 -20.73
N ALA A 58 -27.36 20.92 -19.72
CA ALA A 58 -28.10 22.03 -19.13
C ALA A 58 -27.18 22.76 -18.16
N SER A 59 -27.33 24.08 -18.06
CA SER A 59 -26.45 24.90 -17.21
C SER A 59 -26.78 24.78 -15.73
N THR A 60 -28.07 24.85 -15.38
CA THR A 60 -28.52 24.77 -13.98
C THR A 60 -29.27 23.46 -13.72
N ALA A 61 -29.51 23.19 -12.45
CA ALA A 61 -30.26 22.01 -12.00
C ALA A 61 -31.74 22.08 -12.42
N ALA A 62 -32.36 23.24 -12.21
CA ALA A 62 -33.78 23.46 -12.54
C ALA A 62 -34.08 23.22 -14.01
N GLN A 63 -33.21 23.72 -14.88
CA GLN A 63 -33.38 23.56 -16.33
C GLN A 63 -33.20 22.12 -16.79
N ALA A 64 -32.29 21.39 -16.14
CA ALA A 64 -32.10 19.96 -16.40
C ALA A 64 -33.33 19.12 -16.04
N LEU A 65 -33.96 19.44 -14.90
CA LEU A 65 -35.09 18.66 -14.35
C LEU A 65 -36.49 19.17 -14.72
N SER A 66 -36.58 20.27 -15.47
CA SER A 66 -37.86 20.92 -15.78
C SER A 66 -38.80 20.06 -16.64
N GLN A 67 -38.26 19.58 -17.76
CA GLN A 67 -39.04 18.81 -18.74
C GLN A 67 -38.76 17.31 -18.72
N ALA A 68 -38.11 16.82 -17.67
CA ALA A 68 -37.62 15.43 -17.63
C ALA A 68 -38.72 14.46 -17.22
N ASP A 69 -39.01 13.48 -18.09
CA ASP A 69 -40.02 12.46 -17.84
C ASP A 69 -39.56 11.43 -16.80
N VAL A 70 -38.28 11.08 -16.86
CA VAL A 70 -37.63 10.19 -15.89
C VAL A 70 -36.37 10.86 -15.34
N VAL A 71 -36.14 10.70 -14.03
CA VAL A 71 -35.01 11.30 -13.34
C VAL A 71 -34.15 10.21 -12.71
N TRP A 72 -32.87 10.18 -13.07
CA TRP A 72 -31.89 9.30 -12.45
C TRP A 72 -31.03 10.13 -11.50
N LYS A 73 -30.87 9.64 -10.27
CA LYS A 73 -30.12 10.33 -9.24
C LYS A 73 -29.43 9.28 -8.36
N VAL A 74 -28.40 9.69 -7.64
CA VAL A 74 -27.66 8.78 -6.76
C VAL A 74 -28.38 8.69 -5.41
N GLN A 75 -28.32 9.78 -4.62
CA GLN A 75 -28.99 9.85 -3.32
C GLN A 75 -30.34 10.54 -3.47
N ARG A 76 -31.17 10.45 -2.43
CA ARG A 76 -32.53 11.00 -2.44
C ARG A 76 -32.53 12.52 -2.63
N PRO A 77 -33.57 13.06 -3.28
CA PRO A 77 -33.61 14.51 -3.46
C PRO A 77 -33.88 15.22 -2.13
N MET A 78 -33.24 16.37 -1.95
CA MET A 78 -33.44 17.19 -0.75
C MET A 78 -34.78 17.91 -0.83
N THR A 79 -35.30 18.29 0.33
CA THR A 79 -36.58 19.01 0.44
C THR A 79 -36.35 20.43 0.97
N ALA A 80 -37.43 21.21 1.00
CA ALA A 80 -37.41 22.57 1.54
C ALA A 80 -36.97 22.61 3.01
N GLU A 81 -37.43 21.63 3.78
CA GLU A 81 -37.05 21.45 5.19
C GLU A 81 -35.53 21.26 5.40
N GLU A 82 -34.86 20.67 4.40
CA GLU A 82 -33.40 20.48 4.44
C GLU A 82 -32.60 21.63 3.78
N GLY A 83 -33.27 22.75 3.48
CA GLY A 83 -32.60 23.93 2.93
C GLY A 83 -32.24 23.92 1.46
N THR A 84 -32.76 22.95 0.69
CA THR A 84 -32.60 22.91 -0.77
C THR A 84 -33.74 22.08 -1.36
N ASP A 85 -34.68 22.75 -2.03
CA ASP A 85 -35.90 22.09 -2.52
C ASP A 85 -35.68 21.44 -3.90
N GLU A 86 -35.04 20.28 -3.89
CA GLU A 86 -34.81 19.50 -5.12
C GLU A 86 -36.04 18.74 -5.62
N VAL A 87 -36.93 18.36 -4.70
CA VAL A 87 -38.18 17.67 -5.04
C VAL A 87 -39.07 18.54 -5.94
N ALA A 88 -39.14 19.82 -5.63
CA ALA A 88 -39.90 20.78 -6.43
C ALA A 88 -39.43 20.89 -7.88
N LEU A 89 -38.13 20.75 -8.10
CA LEU A 89 -37.53 20.85 -9.44
C LEU A 89 -37.93 19.72 -10.38
N ILE A 90 -38.27 18.55 -9.82
CA ILE A 90 -38.68 17.39 -10.60
C ILE A 90 -40.09 17.64 -11.14
N LYS A 91 -40.33 17.22 -12.39
CA LYS A 91 -41.61 17.43 -13.05
C LYS A 91 -42.72 16.60 -12.41
N GLU A 92 -43.95 17.12 -12.48
CA GLU A 92 -45.10 16.48 -11.85
C GLU A 92 -45.52 15.25 -12.67
N GLY A 93 -45.80 14.14 -11.97
CA GLY A 93 -46.12 12.88 -12.62
C GLY A 93 -44.94 12.11 -13.22
N ALA A 94 -43.72 12.53 -12.88
CA ALA A 94 -42.50 11.94 -13.44
C ALA A 94 -42.13 10.68 -12.66
N VAL A 95 -41.03 10.04 -13.04
CA VAL A 95 -40.56 8.81 -12.39
C VAL A 95 -39.11 8.99 -11.91
N LEU A 96 -38.88 8.76 -10.61
CA LEU A 96 -37.57 8.88 -9.98
C LEU A 96 -36.96 7.50 -9.80
N MET A 97 -35.66 7.38 -10.03
CA MET A 97 -34.88 6.19 -9.72
C MET A 97 -33.59 6.61 -9.00
N CYS A 98 -33.45 6.20 -7.74
CA CYS A 98 -32.28 6.52 -6.93
C CYS A 98 -32.21 5.68 -5.66
N HIS A 99 -31.12 5.84 -4.91
CA HIS A 99 -31.04 5.31 -3.54
C HIS A 99 -31.89 6.23 -2.68
N LEU A 100 -33.16 5.90 -2.58
CA LEU A 100 -34.16 6.76 -1.96
C LEU A 100 -34.08 6.79 -0.43
N GLY A 101 -33.55 5.74 0.19
CA GLY A 101 -33.56 5.59 1.64
C GLY A 101 -34.97 5.57 2.21
N ALA A 102 -35.88 4.88 1.51
CA ALA A 102 -37.32 4.98 1.75
C ALA A 102 -37.75 4.57 3.16
N LEU A 103 -37.18 3.49 3.67
CA LEU A 103 -37.54 2.95 4.99
C LEU A 103 -37.04 3.79 6.17
N THR A 104 -36.08 4.69 5.94
CA THR A 104 -35.61 5.64 6.96
C THR A 104 -36.03 7.09 6.70
N ASN A 105 -36.38 7.42 5.45
CA ASN A 105 -36.73 8.79 5.06
C ASN A 105 -38.15 8.88 4.49
N ARG A 106 -39.15 8.93 5.37
CA ARG A 106 -40.54 9.13 4.94
C ARG A 106 -40.86 10.56 4.45
N PRO A 107 -40.36 11.62 5.14
CA PRO A 107 -40.61 13.00 4.68
C PRO A 107 -40.38 13.25 3.19
N VAL A 108 -39.31 12.69 2.63
CA VAL A 108 -39.06 12.77 1.18
C VAL A 108 -40.06 11.91 0.37
N VAL A 109 -40.43 10.75 0.90
CA VAL A 109 -41.42 9.87 0.25
C VAL A 109 -42.78 10.56 0.16
N GLU A 110 -43.26 11.11 1.28
CA GLU A 110 -44.53 11.86 1.29
C GLU A 110 -44.44 13.23 0.58
N ALA A 111 -43.24 13.79 0.45
CA ALA A 111 -43.01 14.97 -0.40
C ALA A 111 -43.10 14.61 -1.89
N LEU A 112 -42.61 13.42 -2.24
CA LEU A 112 -42.74 12.88 -3.60
C LEU A 112 -44.18 12.49 -3.96
N THR A 113 -44.97 12.05 -2.99
CA THR A 113 -46.40 11.76 -3.22
C THR A 113 -47.15 13.02 -3.62
N LYS A 114 -46.93 14.11 -2.88
CA LYS A 114 -47.56 15.42 -3.17
C LYS A 114 -47.42 15.90 -4.62
N ARG A 115 -46.28 15.60 -5.24
CA ARG A 115 -46.05 15.88 -6.67
C ARG A 115 -46.38 14.70 -7.60
N LYS A 116 -46.98 13.64 -7.05
CA LYS A 116 -47.40 12.45 -7.80
C LYS A 116 -46.27 11.76 -8.58
N ILE A 117 -45.06 11.82 -8.03
CA ILE A 117 -43.87 11.25 -8.67
C ILE A 117 -43.81 9.75 -8.33
N THR A 118 -43.69 8.91 -9.35
CA THR A 118 -43.55 7.46 -9.16
C THR A 118 -42.07 7.13 -8.87
N ALA A 119 -41.71 7.06 -7.59
CA ALA A 119 -40.32 6.85 -7.17
C ALA A 119 -39.97 5.35 -7.02
N TYR A 120 -38.79 4.97 -7.51
CA TYR A 120 -38.28 3.60 -7.41
C TYR A 120 -37.02 3.55 -6.54
N ALA A 121 -37.17 2.97 -5.35
CA ALA A 121 -36.09 2.91 -4.35
C ALA A 121 -35.12 1.77 -4.65
N MET A 122 -34.00 2.10 -5.28
CA MET A 122 -33.05 1.10 -5.81
C MET A 122 -32.37 0.22 -4.75
N GLU A 123 -32.29 0.70 -3.51
CA GLU A 123 -31.78 -0.08 -2.37
C GLU A 123 -32.64 -1.30 -2.00
N LEU A 124 -33.91 -1.31 -2.43
CA LEU A 124 -34.85 -2.39 -2.15
C LEU A 124 -34.99 -3.38 -3.31
N MET A 125 -33.98 -3.45 -4.18
CA MET A 125 -33.96 -4.43 -5.27
C MET A 125 -34.03 -5.84 -4.66
N PRO A 126 -34.96 -6.69 -5.11
CA PRO A 126 -35.04 -8.03 -4.52
C PRO A 126 -33.78 -8.87 -4.75
N ARG A 127 -33.47 -9.74 -3.79
CA ARG A 127 -32.27 -10.56 -3.83
C ARG A 127 -32.55 -11.79 -4.70
N ILE A 128 -32.54 -11.61 -6.03
CA ILE A 128 -32.76 -12.70 -6.97
C ILE A 128 -31.71 -12.65 -8.08
N SER A 129 -31.24 -13.83 -8.50
CA SER A 129 -30.15 -13.99 -9.48
C SER A 129 -30.13 -12.97 -10.61
N ARG A 130 -31.26 -12.86 -11.31
CA ARG A 130 -31.40 -11.98 -12.47
C ARG A 130 -31.35 -10.47 -12.16
N ALA A 131 -31.56 -10.10 -10.90
CA ALA A 131 -31.44 -8.71 -10.45
C ALA A 131 -30.05 -8.35 -9.88
N GLN A 132 -29.06 -9.24 -10.04
CA GLN A 132 -27.69 -8.94 -9.59
C GLN A 132 -27.05 -7.78 -10.34
N SER A 133 -27.36 -7.67 -11.63
CA SER A 133 -26.85 -6.57 -12.45
C SER A 133 -27.53 -5.21 -12.20
N MET A 134 -28.66 -5.22 -11.49
CA MET A 134 -29.43 -4.01 -11.20
C MET A 134 -29.24 -3.52 -9.76
N ASP A 135 -28.44 -4.21 -8.96
CA ASP A 135 -28.42 -3.98 -7.50
C ASP A 135 -27.33 -2.98 -7.08
N ILE A 136 -27.77 -1.80 -6.65
CA ILE A 136 -26.84 -0.74 -6.28
C ILE A 136 -26.09 -0.98 -4.96
N LEU A 137 -26.73 -1.64 -4.01
CA LEU A 137 -26.05 -1.98 -2.74
C LEU A 137 -24.82 -2.83 -3.00
N SER A 138 -24.97 -3.78 -3.92
CA SER A 138 -23.96 -4.77 -4.21
C SER A 138 -22.78 -4.19 -4.99
N SER A 139 -23.07 -3.42 -6.03
CA SER A 139 -22.02 -2.76 -6.82
C SER A 139 -21.19 -1.78 -5.98
N GLN A 140 -21.87 -1.01 -5.13
CA GLN A 140 -21.22 0.03 -4.34
C GLN A 140 -20.46 -0.53 -3.13
N SER A 141 -21.04 -1.50 -2.43
CA SER A 141 -20.37 -2.13 -1.27
C SER A 141 -19.10 -2.91 -1.66
N ASN A 142 -19.06 -3.42 -2.89
CA ASN A 142 -17.87 -4.07 -3.44
C ASN A 142 -16.67 -3.14 -3.47
N LEU A 143 -16.90 -1.92 -3.97
CA LEU A 143 -15.88 -0.88 -4.00
C LEU A 143 -15.55 -0.38 -2.58
N ALA A 144 -16.56 -0.36 -1.71
CA ALA A 144 -16.35 0.01 -0.31
C ALA A 144 -15.44 -0.98 0.43
N GLY A 145 -15.59 -2.26 0.09
CA GLY A 145 -14.73 -3.31 0.64
C GLY A 145 -13.26 -3.13 0.32
N TYR A 146 -12.98 -2.88 -0.97
CA TYR A 146 -11.65 -2.46 -1.44
C TYR A 146 -11.16 -1.22 -0.69
N ARG A 147 -12.02 -0.22 -0.62
CA ARG A 147 -11.67 1.08 -0.04
C ARG A 147 -11.35 1.02 1.45
N ALA A 148 -12.05 0.14 2.18
CA ALA A 148 -11.78 -0.10 3.59
C ALA A 148 -10.33 -0.51 3.85
N VAL A 149 -9.75 -1.29 2.95
CA VAL A 149 -8.34 -1.70 3.08
C VAL A 149 -7.40 -0.51 2.85
N ILE A 150 -7.71 0.33 1.86
CA ILE A 150 -6.88 1.50 1.54
C ILE A 150 -6.90 2.51 2.68
N ASP A 151 -8.08 2.80 3.21
CA ASP A 151 -8.22 3.65 4.41
C ASP A 151 -7.49 3.05 5.61
N GLY A 152 -7.57 1.73 5.75
CA GLY A 152 -6.86 1.00 6.80
C GLY A 152 -5.35 1.20 6.72
N ALA A 153 -4.79 0.93 5.55
CA ALA A 153 -3.37 1.16 5.29
C ALA A 153 -2.96 2.63 5.40
N TYR A 154 -3.87 3.55 5.06
CA TYR A 154 -3.59 4.99 5.15
C TYR A 154 -3.53 5.49 6.60
N GLU A 155 -4.31 4.89 7.49
CA GLU A 155 -4.30 5.26 8.91
C GLU A 155 -3.30 4.44 9.73
N PHE A 156 -2.91 3.28 9.21
CA PHE A 156 -1.97 2.39 9.90
C PHE A 156 -0.54 2.88 9.65
N ALA A 157 0.27 2.90 10.71
CA ALA A 157 1.66 3.40 10.65
C ALA A 157 2.71 2.29 10.48
N ARG A 158 2.29 1.15 9.93
CA ARG A 158 3.22 0.08 9.55
C ARG A 158 2.83 -0.37 8.14
N ALA A 159 3.76 -1.05 7.47
CA ALA A 159 3.51 -1.55 6.12
C ALA A 159 2.63 -2.81 6.17
N PHE A 160 1.99 -3.10 5.05
CA PHE A 160 1.15 -4.31 4.90
C PHE A 160 1.95 -5.59 4.64
N PRO A 161 2.80 -5.61 3.58
CA PRO A 161 3.43 -6.88 3.19
C PRO A 161 4.66 -7.27 4.00
N MET A 162 5.02 -8.55 3.94
CA MET A 162 6.27 -9.05 4.52
C MET A 162 7.42 -8.64 3.61
N MET A 163 8.48 -8.09 4.21
CA MET A 163 9.69 -7.67 3.50
C MET A 163 10.91 -8.00 4.34
N MET A 164 11.73 -8.93 3.87
CA MET A 164 13.05 -9.18 4.46
C MET A 164 14.03 -8.08 4.03
N THR A 165 14.48 -7.29 5.00
CA THR A 165 15.32 -6.11 4.77
C THR A 165 16.58 -6.24 5.62
N ALA A 166 17.66 -5.56 5.20
CA ALA A 166 18.92 -5.54 5.94
C ALA A 166 18.86 -4.79 7.29
N ALA A 167 17.87 -3.92 7.43
CA ALA A 167 17.56 -3.26 8.71
C ALA A 167 16.65 -4.10 9.61
N GLY A 168 16.20 -5.28 9.13
CA GLY A 168 15.30 -6.16 9.89
C GLY A 168 14.16 -6.67 9.02
N THR A 169 13.56 -7.78 9.43
CA THR A 169 12.39 -8.33 8.75
C THR A 169 11.16 -7.52 9.14
N VAL A 170 10.50 -6.90 8.17
CA VAL A 170 9.23 -6.21 8.38
C VAL A 170 8.12 -7.27 8.28
N PRO A 171 7.33 -7.47 9.35
CA PRO A 171 6.37 -8.56 9.33
C PRO A 171 5.06 -8.15 8.65
N PRO A 172 4.28 -9.14 8.17
CA PRO A 172 3.02 -8.81 7.52
C PRO A 172 1.96 -8.32 8.51
N ALA A 173 1.16 -7.35 8.09
CA ALA A 173 0.04 -6.86 8.88
C ALA A 173 -1.03 -7.95 8.93
N ARG A 174 -1.60 -8.17 10.11
CA ARG A 174 -2.65 -9.17 10.29
C ARG A 174 -4.00 -8.48 10.22
N VAL A 175 -4.77 -8.77 9.16
CA VAL A 175 -6.10 -8.19 8.94
C VAL A 175 -7.17 -9.19 9.37
N LEU A 176 -8.24 -8.69 9.99
CA LEU A 176 -9.40 -9.50 10.36
C LEU A 176 -10.66 -8.79 9.86
N VAL A 177 -11.34 -9.40 8.89
CA VAL A 177 -12.60 -8.83 8.41
C VAL A 177 -13.78 -9.51 9.11
N PHE A 178 -14.72 -8.71 9.62
CA PHE A 178 -15.96 -9.23 10.20
C PHE A 178 -17.08 -9.03 9.20
N GLY A 179 -17.73 -10.14 8.83
CA GLY A 179 -18.80 -10.12 7.84
C GLY A 179 -18.22 -10.27 6.45
N VAL A 180 -18.44 -11.44 5.84
CA VAL A 180 -17.91 -11.75 4.51
C VAL A 180 -19.06 -11.72 3.49
N GLY A 181 -19.59 -10.52 3.29
CA GLY A 181 -20.56 -10.27 2.23
C GLY A 181 -19.83 -9.87 0.97
N VAL A 182 -20.46 -9.02 0.16
CA VAL A 182 -19.85 -8.52 -1.06
C VAL A 182 -18.66 -7.61 -0.73
N ALA A 183 -18.82 -6.77 0.30
CA ALA A 183 -17.77 -5.89 0.79
C ALA A 183 -16.63 -6.66 1.44
N GLY A 184 -16.98 -7.64 2.28
CA GLY A 184 -15.99 -8.46 2.96
C GLY A 184 -15.07 -9.24 2.05
N LEU A 185 -15.64 -9.86 1.01
CA LEU A 185 -14.85 -10.64 0.05
C LEU A 185 -13.83 -9.79 -0.72
N GLN A 186 -14.20 -8.56 -1.06
CA GLN A 186 -13.28 -7.63 -1.73
C GLN A 186 -12.22 -7.09 -0.77
N ALA A 187 -12.59 -6.90 0.49
CA ALA A 187 -11.64 -6.50 1.53
C ALA A 187 -10.57 -7.58 1.76
N ILE A 188 -10.99 -8.84 1.75
CA ILE A 188 -10.06 -9.97 1.85
C ILE A 188 -9.14 -9.96 0.65
N ALA A 189 -9.73 -9.89 -0.54
CA ALA A 189 -8.99 -9.91 -1.79
C ALA A 189 -7.95 -8.78 -1.88
N THR A 190 -8.34 -7.58 -1.46
CA THR A 190 -7.45 -6.42 -1.48
C THR A 190 -6.37 -6.49 -0.40
N ALA A 191 -6.73 -6.91 0.81
CA ALA A 191 -5.76 -7.13 1.88
C ALA A 191 -4.75 -8.22 1.52
N LYS A 192 -5.25 -9.30 0.91
CA LYS A 192 -4.40 -10.39 0.44
C LYS A 192 -3.53 -9.95 -0.74
N ARG A 193 -4.05 -9.04 -1.58
CA ARG A 193 -3.23 -8.38 -2.62
C ARG A 193 -2.05 -7.61 -2.04
N LEU A 194 -2.30 -6.81 -1.01
CA LEU A 194 -1.24 -6.01 -0.37
C LEU A 194 -0.28 -6.80 0.53
N GLY A 195 -0.53 -8.11 0.70
CA GLY A 195 0.41 -9.01 1.36
C GLY A 195 0.10 -9.32 2.81
N ALA A 196 -1.09 -8.94 3.27
CA ALA A 196 -1.51 -9.17 4.65
C ALA A 196 -1.93 -10.62 4.89
N VAL A 197 -1.74 -11.08 6.12
CA VAL A 197 -2.32 -12.34 6.56
C VAL A 197 -3.76 -11.97 6.92
N VAL A 198 -4.72 -12.71 6.36
CA VAL A 198 -6.14 -12.36 6.45
C VAL A 198 -6.95 -13.44 7.17
N MET A 199 -7.60 -13.06 8.26
CA MET A 199 -8.60 -13.88 8.95
C MET A 199 -9.97 -13.34 8.60
N ALA A 200 -10.99 -14.17 8.73
CA ALA A 200 -12.37 -13.74 8.50
C ALA A 200 -13.37 -14.57 9.27
N THR A 201 -14.58 -14.03 9.43
CA THR A 201 -15.67 -14.72 10.11
C THR A 201 -17.04 -14.23 9.61
N ASP A 202 -18.05 -15.09 9.74
CA ASP A 202 -19.41 -14.82 9.23
C ASP A 202 -20.36 -15.86 9.82
N VAL A 203 -21.64 -15.52 9.87
CA VAL A 203 -22.68 -16.46 10.33
C VAL A 203 -23.09 -17.50 9.28
N ARG A 204 -23.07 -17.12 7.99
CA ARG A 204 -23.50 -18.01 6.91
C ARG A 204 -22.44 -19.06 6.59
N ALA A 205 -22.85 -20.32 6.48
CA ALA A 205 -21.94 -21.46 6.29
C ALA A 205 -21.24 -21.47 4.92
N ALA A 206 -21.89 -20.94 3.89
CA ALA A 206 -21.34 -20.91 2.53
C ALA A 206 -20.10 -20.02 2.34
N THR A 207 -19.92 -19.05 3.24
CA THR A 207 -18.82 -18.08 3.14
C THR A 207 -17.44 -18.66 3.48
N LYS A 208 -17.42 -19.76 4.25
CA LYS A 208 -16.15 -20.42 4.61
C LYS A 208 -15.35 -20.87 3.39
N GLU A 209 -16.05 -21.45 2.42
CA GLU A 209 -15.44 -21.85 1.15
C GLU A 209 -14.94 -20.63 0.36
N GLN A 210 -15.69 -19.53 0.41
CA GLN A 210 -15.33 -18.28 -0.27
C GLN A 210 -14.09 -17.60 0.34
N VAL A 211 -14.01 -17.58 1.67
CA VAL A 211 -12.83 -17.06 2.37
C VAL A 211 -11.59 -17.87 2.05
N GLU A 212 -11.73 -19.20 2.07
CA GLU A 212 -10.62 -20.11 1.80
C GLU A 212 -10.13 -20.05 0.36
N SER A 213 -11.04 -19.90 -0.59
CA SER A 213 -10.66 -19.79 -2.01
C SER A 213 -9.87 -18.51 -2.34
N LEU A 214 -9.98 -17.48 -1.50
CA LEU A 214 -9.19 -16.24 -1.62
C LEU A 214 -7.86 -16.24 -0.83
N GLY A 215 -7.51 -17.37 -0.21
CA GLY A 215 -6.32 -17.45 0.63
C GLY A 215 -6.52 -16.94 2.06
N GLY A 216 -7.76 -16.70 2.45
CA GLY A 216 -8.10 -16.32 3.81
C GLY A 216 -8.28 -17.54 4.69
N LYS A 217 -8.33 -17.32 6.00
CA LYS A 217 -8.48 -18.39 6.99
C LYS A 217 -9.71 -18.07 7.83
N PHE A 218 -10.67 -19.00 7.86
CA PHE A 218 -11.97 -18.76 8.49
C PHE A 218 -11.94 -19.11 9.98
N ILE A 219 -12.49 -18.21 10.81
CA ILE A 219 -12.64 -18.46 12.25
C ILE A 219 -14.00 -19.10 12.47
N THR A 220 -14.02 -20.43 12.62
CA THR A 220 -15.25 -21.17 12.92
C THR A 220 -15.65 -20.92 14.37
N VAL A 221 -16.96 -20.91 14.63
CA VAL A 221 -17.51 -20.64 15.96
C VAL A 221 -18.48 -21.75 16.42
N ASP A 222 -19.49 -22.07 15.60
CA ASP A 222 -20.49 -23.09 15.93
C ASP A 222 -21.22 -23.55 14.66
N ASP A 223 -20.75 -24.66 14.08
CA ASP A 223 -21.25 -25.14 12.78
C ASP A 223 -22.75 -25.50 12.71
N GLU A 224 -23.35 -25.85 13.86
CA GLU A 224 -24.78 -26.16 13.92
C GLU A 224 -25.64 -24.92 13.68
N ALA A 225 -25.40 -23.87 14.47
CA ALA A 225 -26.15 -22.61 14.36
C ALA A 225 -25.87 -21.85 13.06
N MET A 226 -24.64 -21.94 12.56
CA MET A 226 -24.26 -21.33 11.27
C MET A 226 -24.97 -21.93 10.05
N LYS A 227 -25.44 -23.18 10.17
CA LYS A 227 -26.17 -23.85 9.09
C LYS A 227 -27.55 -23.23 8.85
N THR A 228 -28.24 -22.85 9.93
CA THR A 228 -29.60 -22.26 9.86
C THR A 228 -29.61 -20.72 9.71
N ALA A 229 -28.44 -20.09 9.71
CA ALA A 229 -28.34 -18.62 9.79
C ALA A 229 -28.66 -17.84 8.51
N GLU A 230 -28.78 -18.53 7.36
CA GLU A 230 -29.06 -17.87 6.08
C GLU A 230 -30.57 -17.84 5.77
N THR A 231 -31.07 -16.69 5.35
CA THR A 231 -32.49 -16.50 5.02
C THR A 231 -32.76 -16.89 3.55
N ALA A 232 -34.00 -16.73 3.10
CA ALA A 232 -34.39 -17.00 1.70
C ALA A 232 -33.67 -16.10 0.70
N GLY A 233 -33.55 -14.82 1.03
CA GLY A 233 -32.81 -13.86 0.19
C GLY A 233 -31.29 -13.94 0.26
N GLY A 234 -30.75 -14.87 1.04
CA GLY A 234 -29.32 -15.13 1.09
C GLY A 234 -28.55 -14.16 1.97
N TYR A 235 -29.15 -13.78 3.10
CA TYR A 235 -28.51 -12.87 4.06
C TYR A 235 -28.70 -13.38 5.49
N ALA A 236 -28.05 -12.74 6.45
CA ALA A 236 -28.03 -13.20 7.85
C ALA A 236 -29.33 -12.90 8.60
N LYS A 237 -29.54 -13.61 9.70
CA LYS A 237 -30.66 -13.35 10.62
C LYS A 237 -30.13 -13.09 12.04
N GLU A 238 -31.04 -12.76 12.95
CA GLU A 238 -30.69 -12.46 14.34
C GLU A 238 -30.19 -13.72 15.04
N MET A 239 -28.93 -13.71 15.48
CA MET A 239 -28.30 -14.88 16.14
C MET A 239 -28.50 -14.94 17.66
N GLY A 240 -29.02 -13.87 18.26
CA GLY A 240 -29.27 -13.83 19.70
C GLY A 240 -28.02 -13.56 20.50
N GLU A 241 -28.17 -13.55 21.83
CA GLU A 241 -27.09 -13.21 22.75
C GLU A 241 -26.11 -14.36 22.99
N GLU A 242 -26.60 -15.60 22.98
CA GLU A 242 -25.77 -16.76 23.35
C GLU A 242 -24.71 -17.10 22.28
N PHE A 243 -25.04 -16.88 21.01
CA PHE A 243 -24.08 -17.05 19.92
C PHE A 243 -22.99 -15.97 19.94
N ARG A 244 -23.39 -14.73 20.23
CA ARG A 244 -22.46 -13.59 20.36
C ARG A 244 -21.32 -13.85 21.35
N LYS A 245 -21.64 -14.46 22.50
CA LYS A 245 -20.65 -14.79 23.52
C LYS A 245 -19.65 -15.84 23.04
N LYS A 246 -20.16 -16.87 22.36
CA LYS A 246 -19.32 -17.89 21.74
C LYS A 246 -18.47 -17.30 20.61
N GLN A 247 -19.05 -16.37 19.85
CA GLN A 247 -18.34 -15.69 18.75
C GLN A 247 -17.22 -14.79 19.24
N ALA A 248 -17.50 -13.98 20.26
CA ALA A 248 -16.52 -13.04 20.82
C ALA A 248 -15.26 -13.71 21.36
N GLU A 249 -15.43 -14.84 22.05
CA GLU A 249 -14.31 -15.57 22.65
C GLU A 249 -13.40 -16.22 21.60
N ALA A 250 -14.00 -16.77 20.54
CA ALA A 250 -13.26 -17.32 19.41
C ALA A 250 -12.53 -16.22 18.62
N VAL A 251 -13.22 -15.11 18.40
CA VAL A 251 -12.66 -13.91 17.74
C VAL A 251 -11.48 -13.30 18.49
N LEU A 252 -11.62 -13.19 19.81
CA LEU A 252 -10.63 -12.51 20.67
C LEU A 252 -9.22 -13.08 20.51
N LYS A 253 -9.11 -14.39 20.35
CA LYS A 253 -7.82 -15.07 20.17
C LYS A 253 -7.02 -14.53 18.98
N GLU A 254 -7.72 -14.14 17.91
CA GLU A 254 -7.11 -13.51 16.74
C GLU A 254 -7.14 -11.97 16.78
N LEU A 255 -8.21 -11.41 17.35
CA LEU A 255 -8.37 -9.95 17.45
C LEU A 255 -7.25 -9.26 18.24
N VAL A 256 -6.74 -9.92 19.28
CA VAL A 256 -5.58 -9.41 20.04
C VAL A 256 -4.30 -9.32 19.20
N LYS A 257 -4.15 -10.21 18.22
CA LYS A 257 -3.04 -10.17 17.26
C LYS A 257 -3.32 -9.27 16.02
N THR A 258 -4.55 -8.84 15.83
CA THR A 258 -4.98 -8.17 14.59
C THR A 258 -4.54 -6.71 14.54
N ASP A 259 -4.11 -6.28 13.35
CA ASP A 259 -3.65 -4.91 13.10
C ASP A 259 -4.73 -4.04 12.47
N ILE A 260 -5.43 -4.58 11.46
CA ILE A 260 -6.57 -3.90 10.84
C ILE A 260 -7.83 -4.74 11.02
N ALA A 261 -8.87 -4.15 11.63
CA ALA A 261 -10.18 -4.80 11.77
C ALA A 261 -11.19 -4.12 10.86
N ILE A 262 -11.67 -4.84 9.85
CA ILE A 262 -12.67 -4.31 8.91
C ILE A 262 -14.02 -4.97 9.20
N THR A 263 -14.94 -4.22 9.81
CA THR A 263 -16.27 -4.74 10.11
C THR A 263 -17.28 -4.27 9.06
N THR A 264 -17.96 -5.23 8.43
CA THR A 264 -18.91 -4.96 7.35
C THR A 264 -20.31 -5.57 7.57
N ALA A 265 -20.57 -6.08 8.78
CA ALA A 265 -21.75 -6.91 9.03
C ALA A 265 -23.04 -6.10 9.11
N LEU A 266 -24.06 -6.57 8.38
CA LEU A 266 -25.36 -5.92 8.27
C LEU A 266 -26.49 -6.95 8.40
N ILE A 267 -27.58 -6.57 9.07
CA ILE A 267 -28.80 -7.39 9.17
C ILE A 267 -29.95 -6.55 8.60
N PRO A 268 -30.34 -6.77 7.32
CA PRO A 268 -31.32 -5.94 6.60
C PRO A 268 -32.61 -5.59 7.37
N GLY A 269 -32.87 -4.29 7.55
CA GLY A 269 -34.02 -3.81 8.32
C GLY A 269 -33.64 -3.53 9.76
N LYS A 270 -33.08 -4.54 10.43
CA LYS A 270 -32.67 -4.44 11.84
C LYS A 270 -31.39 -3.58 11.97
N PRO A 271 -31.06 -3.13 13.21
CA PRO A 271 -29.79 -2.43 13.39
C PRO A 271 -28.58 -3.35 13.27
N ALA A 272 -27.42 -2.76 12.97
CA ALA A 272 -26.19 -3.53 12.73
C ALA A 272 -25.71 -4.21 14.02
N PRO A 273 -25.31 -5.50 13.93
CA PRO A 273 -24.92 -6.24 15.12
C PRO A 273 -23.57 -5.82 15.69
N VAL A 274 -23.50 -5.64 17.00
CA VAL A 274 -22.27 -5.21 17.68
C VAL A 274 -21.30 -6.39 17.77
N LEU A 275 -20.27 -6.38 16.91
CA LEU A 275 -19.28 -7.47 16.82
C LEU A 275 -17.98 -7.20 17.58
N ILE A 276 -17.62 -5.94 17.77
CA ILE A 276 -16.45 -5.56 18.57
C ILE A 276 -16.89 -4.55 19.64
N THR A 277 -16.90 -4.99 20.90
CA THR A 277 -17.28 -4.14 22.03
C THR A 277 -16.11 -3.24 22.46
N GLU A 278 -16.39 -2.28 23.34
CA GLU A 278 -15.36 -1.44 23.93
C GLU A 278 -14.35 -2.25 24.78
N GLU A 279 -14.83 -3.30 25.44
CA GLU A 279 -13.97 -4.21 26.19
C GLU A 279 -13.07 -5.05 25.26
N MET A 280 -13.54 -5.31 24.05
CA MET A 280 -12.75 -6.01 23.04
C MET A 280 -11.62 -5.15 22.44
N VAL A 281 -11.87 -3.85 22.22
CA VAL A 281 -10.83 -2.96 21.66
C VAL A 281 -9.72 -2.57 22.64
N THR A 282 -10.01 -2.62 23.94
CA THR A 282 -8.99 -2.44 24.98
C THR A 282 -7.93 -3.55 24.90
N LYS A 283 -8.37 -4.76 24.58
CA LYS A 283 -7.48 -5.91 24.43
C LYS A 283 -6.62 -5.88 23.15
N MET A 284 -6.98 -5.04 22.18
CA MET A 284 -6.20 -4.88 20.95
C MET A 284 -4.91 -4.07 21.18
N LYS A 285 -3.99 -4.18 20.23
CA LYS A 285 -2.70 -3.49 20.31
C LYS A 285 -2.87 -2.01 20.02
N PRO A 286 -2.18 -1.12 20.78
CA PRO A 286 -2.24 0.30 20.41
C PRO A 286 -1.50 0.57 19.09
N GLY A 287 -2.10 1.40 18.24
CA GLY A 287 -1.65 1.61 16.87
C GLY A 287 -2.46 0.83 15.83
N SER A 288 -3.33 -0.08 16.30
CA SER A 288 -4.24 -0.82 15.43
C SER A 288 -5.33 0.10 14.88
N VAL A 289 -6.02 -0.38 13.85
CA VAL A 289 -7.07 0.38 13.17
C VAL A 289 -8.33 -0.47 13.06
N ILE A 290 -9.48 0.17 13.26
CA ILE A 290 -10.78 -0.45 13.04
C ILE A 290 -11.49 0.36 11.94
N ILE A 291 -11.92 -0.34 10.89
CA ILE A 291 -12.73 0.26 9.82
C ILE A 291 -14.17 -0.25 9.97
N ASP A 292 -15.08 0.67 10.35
CA ASP A 292 -16.49 0.34 10.56
C ASP A 292 -17.32 0.79 9.34
N LEU A 293 -17.56 -0.15 8.42
CA LEU A 293 -18.41 0.11 7.27
C LEU A 293 -19.90 0.16 7.63
N ALA A 294 -20.27 -0.45 8.75
CA ALA A 294 -21.66 -0.41 9.25
C ALA A 294 -21.99 0.83 10.10
N VAL A 295 -21.09 1.82 10.15
CA VAL A 295 -21.22 2.99 11.03
C VAL A 295 -22.53 3.77 10.87
N GLU A 296 -22.99 3.94 9.64
CA GLU A 296 -24.25 4.63 9.35
C GLU A 296 -25.52 3.83 9.72
N ALA A 297 -25.37 2.52 9.93
CA ALA A 297 -26.47 1.66 10.38
C ALA A 297 -26.30 1.21 11.83
N GLY A 298 -25.72 2.08 12.66
CA GLY A 298 -25.49 1.78 14.08
C GLY A 298 -24.10 1.31 14.44
N GLY A 299 -23.33 0.84 13.45
CA GLY A 299 -21.94 0.43 13.68
C GLY A 299 -21.81 -0.95 14.29
N ASN A 300 -20.87 -1.74 13.76
CA ASN A 300 -20.47 -3.01 14.39
C ASN A 300 -19.60 -2.78 15.63
N CYS A 301 -19.04 -1.57 15.73
CA CYS A 301 -18.35 -1.10 16.91
C CYS A 301 -19.10 0.12 17.46
N PRO A 302 -19.42 0.12 18.78
CA PRO A 302 -20.18 1.25 19.35
C PRO A 302 -19.36 2.51 19.58
N LEU A 303 -18.02 2.42 19.54
CA LEU A 303 -17.15 3.59 19.61
C LEU A 303 -17.08 4.40 18.30
N SER A 304 -17.51 3.82 17.18
CA SER A 304 -17.48 4.51 15.90
C SER A 304 -18.51 5.64 15.85
N GLU A 305 -18.17 6.71 15.14
CA GLU A 305 -19.04 7.86 14.92
C GLU A 305 -19.07 8.19 13.42
N PRO A 306 -20.25 8.53 12.86
CA PRO A 306 -20.32 8.83 11.43
C PRO A 306 -19.48 10.03 11.00
N GLY A 307 -18.66 9.84 9.96
CA GLY A 307 -17.86 10.90 9.37
C GLY A 307 -16.67 11.35 10.21
N LYS A 308 -16.22 10.47 11.12
CA LYS A 308 -15.15 10.81 12.08
C LYS A 308 -14.18 9.64 12.27
N ILE A 309 -13.00 9.96 12.81
CA ILE A 309 -12.01 8.98 13.23
C ILE A 309 -11.82 9.13 14.74
N VAL A 310 -12.36 8.18 15.50
CA VAL A 310 -12.30 8.18 16.96
C VAL A 310 -11.05 7.43 17.41
N VAL A 311 -10.16 8.11 18.13
CA VAL A 311 -8.97 7.51 18.72
C VAL A 311 -9.28 7.25 20.20
N LYS A 312 -9.30 5.98 20.60
CA LYS A 312 -9.54 5.61 21.99
C LYS A 312 -8.95 4.23 22.30
N HIS A 313 -8.36 4.09 23.48
CA HIS A 313 -7.59 2.90 23.91
C HIS A 313 -6.43 2.57 22.97
N GLY A 314 -5.79 3.60 22.42
CA GLY A 314 -4.70 3.44 21.45
C GLY A 314 -5.10 2.99 20.05
N VAL A 315 -6.41 2.87 19.78
CA VAL A 315 -6.92 2.29 18.55
C VAL A 315 -7.71 3.34 17.78
N LYS A 316 -7.38 3.51 16.49
CA LYS A 316 -8.16 4.38 15.60
C LYS A 316 -9.42 3.63 15.17
N ILE A 317 -10.60 4.20 15.46
CA ILE A 317 -11.87 3.67 14.97
C ILE A 317 -12.36 4.58 13.85
N VAL A 318 -12.18 4.12 12.61
CA VAL A 318 -12.52 4.90 11.43
C VAL A 318 -13.97 4.61 11.05
N GLY A 319 -14.73 5.67 10.73
CA GLY A 319 -16.13 5.54 10.38
C GLY A 319 -16.54 6.61 9.38
N HIS A 320 -15.93 6.57 8.20
CA HIS A 320 -16.28 7.50 7.13
C HIS A 320 -17.71 7.25 6.64
N THR A 321 -18.41 8.33 6.33
CA THR A 321 -19.74 8.23 5.72
C THR A 321 -19.58 8.13 4.22
N ASN A 322 -20.53 7.45 3.58
CA ASN A 322 -20.58 7.36 2.12
C ASN A 322 -19.28 6.86 1.50
N VAL A 323 -18.90 5.64 1.87
CA VAL A 323 -17.63 5.05 1.46
C VAL A 323 -17.51 4.85 -0.07
N PRO A 324 -18.60 4.47 -0.76
CA PRO A 324 -18.52 4.38 -2.23
C PRO A 324 -18.23 5.70 -2.97
N SER A 325 -18.56 6.84 -2.37
CA SER A 325 -18.17 8.16 -2.90
C SER A 325 -16.65 8.43 -2.80
N ARG A 326 -15.96 7.69 -1.93
CA ARG A 326 -14.50 7.76 -1.86
C ARG A 326 -13.86 7.06 -3.07
N VAL A 327 -14.62 6.17 -3.74
CA VAL A 327 -14.24 5.60 -5.03
C VAL A 327 -15.27 6.05 -6.11
N ALA A 328 -15.50 7.37 -6.17
CA ALA A 328 -16.56 7.95 -7.02
C ALA A 328 -16.48 7.61 -8.50
N ALA A 329 -15.28 7.65 -9.06
CA ALA A 329 -15.08 7.49 -10.52
C ALA A 329 -15.23 6.04 -11.05
N ASP A 330 -15.19 5.05 -10.15
CA ASP A 330 -15.63 3.67 -10.46
C ASP A 330 -17.06 3.40 -10.01
N ALA A 331 -17.47 4.04 -8.92
CA ALA A 331 -18.83 3.93 -8.39
C ALA A 331 -19.89 4.40 -9.38
N SER A 332 -19.66 5.58 -9.94
CA SER A 332 -20.61 6.21 -10.87
C SER A 332 -20.95 5.40 -12.15
N PRO A 333 -19.93 4.98 -12.94
CA PRO A 333 -20.26 4.17 -14.14
C PRO A 333 -20.96 2.84 -13.89
N LEU A 334 -20.77 2.24 -12.71
CA LEU A 334 -21.45 1.02 -12.30
C LEU A 334 -22.85 1.28 -11.75
N PHE A 335 -23.00 2.38 -11.00
CA PHE A 335 -24.32 2.83 -10.53
C PHE A 335 -25.22 3.21 -11.70
N ALA A 336 -24.64 3.85 -12.71
CA ALA A 336 -25.37 4.20 -13.94
C ALA A 336 -25.83 2.95 -14.69
N LYS A 337 -24.96 1.94 -14.77
CA LYS A 337 -25.32 0.65 -15.37
C LYS A 337 -26.36 -0.15 -14.58
N ASN A 338 -26.36 -0.02 -13.26
CA ASN A 338 -27.44 -0.60 -12.43
C ASN A 338 -28.81 -0.04 -12.79
N LEU A 339 -28.88 1.28 -12.95
CA LEU A 339 -30.10 1.96 -13.37
C LEU A 339 -30.49 1.59 -14.79
N LEU A 340 -29.51 1.49 -15.68
CA LEU A 340 -29.75 1.09 -17.06
C LEU A 340 -30.28 -0.34 -17.15
N ASN A 341 -29.68 -1.26 -16.40
CA ASN A 341 -30.11 -2.66 -16.41
C ASN A 341 -31.51 -2.84 -15.85
N PHE A 342 -31.85 -2.04 -14.83
CA PHE A 342 -33.18 -2.01 -14.26
C PHE A 342 -34.24 -1.49 -15.23
N LEU A 343 -33.90 -0.43 -15.96
CA LEU A 343 -34.85 0.29 -16.83
C LEU A 343 -35.07 -0.33 -18.22
N THR A 344 -33.99 -0.89 -18.80
CA THR A 344 -34.00 -1.36 -20.19
C THR A 344 -35.09 -2.37 -20.58
N PRO A 345 -35.39 -3.37 -19.72
CA PRO A 345 -36.46 -4.33 -20.04
C PRO A 345 -37.89 -3.76 -20.16
N HIS A 346 -38.11 -2.57 -19.62
CA HIS A 346 -39.43 -1.94 -19.62
C HIS A 346 -39.66 -0.92 -20.75
N VAL A 347 -38.64 -0.66 -21.56
CA VAL A 347 -38.74 0.30 -22.67
C VAL A 347 -39.31 -0.40 -23.91
N ASP A 348 -40.24 0.30 -24.60
CA ASP A 348 -40.85 -0.22 -25.84
C ASP A 348 -39.94 0.02 -27.04
N LYS A 349 -39.94 -0.94 -27.96
CA LYS A 349 -39.07 -0.88 -29.14
C LYS A 349 -39.56 0.13 -30.19
N ASP A 350 -40.87 0.10 -30.50
CA ASP A 350 -41.48 1.02 -31.46
C ASP A 350 -42.71 1.75 -30.91
N THR A 351 -42.71 2.03 -29.59
CA THR A 351 -43.66 2.98 -28.97
C THR A 351 -42.96 4.23 -28.41
N LYS A 352 -41.70 4.10 -27.99
CA LYS A 352 -40.91 5.19 -27.42
C LYS A 352 -41.53 5.70 -26.10
N THR A 353 -41.69 4.77 -25.16
CA THR A 353 -42.22 5.08 -23.83
C THR A 353 -41.79 4.01 -22.81
N LEU A 354 -42.05 4.29 -21.53
CA LEU A 354 -41.64 3.40 -20.43
C LEU A 354 -42.86 2.69 -19.85
N VAL A 355 -42.81 1.36 -19.80
CA VAL A 355 -43.93 0.52 -19.32
C VAL A 355 -43.45 -0.38 -18.17
N MET A 356 -43.56 0.14 -16.95
CA MET A 356 -43.10 -0.57 -15.76
C MET A 356 -44.13 -1.63 -15.35
N LYS A 357 -43.72 -2.90 -15.40
CA LYS A 357 -44.64 -4.04 -15.35
C LYS A 357 -44.88 -4.50 -13.90
N LEU A 358 -46.14 -4.54 -13.48
CA LEU A 358 -46.48 -4.90 -12.10
C LEU A 358 -46.24 -6.37 -11.76
N GLU A 359 -46.30 -7.24 -12.78
CA GLU A 359 -46.07 -8.68 -12.62
C GLU A 359 -44.60 -8.96 -12.30
N ASP A 360 -43.72 -8.18 -12.94
CA ASP A 360 -42.29 -8.20 -12.68
C ASP A 360 -42.01 -7.78 -11.22
N GLU A 361 -41.40 -8.69 -10.45
CA GLU A 361 -41.12 -8.43 -9.02
C GLU A 361 -39.96 -7.44 -8.77
N THR A 362 -39.17 -7.17 -9.80
CA THR A 362 -38.15 -6.12 -9.75
C THR A 362 -38.80 -4.73 -9.61
N VAL A 363 -39.99 -4.56 -10.21
CA VAL A 363 -40.74 -3.30 -10.16
C VAL A 363 -41.52 -3.18 -8.85
N SER A 364 -42.25 -4.24 -8.48
CA SER A 364 -43.11 -4.23 -7.29
C SER A 364 -42.32 -4.15 -5.97
N GLY A 365 -41.16 -4.82 -5.93
CA GLY A 365 -40.27 -4.73 -4.77
C GLY A 365 -39.59 -3.38 -4.62
N THR A 366 -39.41 -2.67 -5.74
CA THR A 366 -38.72 -1.39 -5.78
C THR A 366 -39.66 -0.19 -5.56
N CYS A 367 -40.91 -0.30 -6.02
CA CYS A 367 -41.81 0.85 -6.09
C CYS A 367 -42.34 1.29 -4.72
N VAL A 368 -41.98 2.51 -4.34
CA VAL A 368 -42.37 3.10 -3.05
C VAL A 368 -43.67 3.88 -3.21
N THR A 369 -43.67 4.83 -4.15
CA THR A 369 -44.83 5.67 -4.47
C THR A 369 -45.19 5.49 -5.93
N ARG A 370 -46.48 5.56 -6.24
CA ARG A 370 -46.96 5.66 -7.62
C ARG A 370 -48.17 6.60 -7.64
N ASP A 371 -48.07 7.69 -8.40
CA ASP A 371 -49.17 8.62 -8.67
C ASP A 371 -49.97 9.06 -7.43
N GLY A 372 -49.26 9.63 -6.46
CA GLY A 372 -49.89 10.24 -5.29
C GLY A 372 -50.36 9.32 -4.18
N ALA A 373 -49.74 8.14 -4.05
CA ALA A 373 -50.08 7.21 -2.96
C ALA A 373 -48.95 6.21 -2.71
N ILE A 374 -48.64 5.99 -1.43
CA ILE A 374 -47.60 5.05 -1.02
C ILE A 374 -48.15 3.63 -1.17
N VAL A 375 -47.44 2.79 -1.91
CA VAL A 375 -47.90 1.45 -2.31
C VAL A 375 -47.13 0.27 -1.68
N HIS A 376 -45.92 0.51 -1.19
CA HIS A 376 -45.00 -0.58 -0.76
C HIS A 376 -45.53 -1.31 0.50
N PRO A 377 -45.38 -2.66 0.59
CA PRO A 377 -45.81 -3.41 1.78
C PRO A 377 -45.13 -3.01 3.09
N ALA A 378 -43.84 -2.71 3.04
CA ALA A 378 -43.17 -1.96 4.09
C ALA A 378 -43.58 -0.51 3.90
N LEU A 379 -43.73 0.25 4.99
CA LEU A 379 -44.35 1.59 5.02
C LEU A 379 -45.87 1.51 5.28
N THR A 380 -46.64 0.94 4.35
CA THR A 380 -48.11 0.80 4.47
C THR A 380 -48.63 -0.61 4.24
N MET B 1 29.78 4.68 29.57
CA MET B 1 29.53 5.48 28.33
C MET B 1 28.02 5.62 28.10
N LYS B 2 27.56 6.86 27.93
CA LYS B 2 26.12 7.16 27.83
C LYS B 2 25.71 7.48 26.39
N ILE B 3 24.65 6.83 25.92
CA ILE B 3 24.05 7.12 24.60
C ILE B 3 22.66 7.72 24.81
N ALA B 4 22.33 8.73 24.01
CA ALA B 4 21.10 9.52 24.19
C ALA B 4 20.27 9.63 22.91
N ILE B 5 18.95 9.48 23.03
CA ILE B 5 18.02 9.61 21.91
C ILE B 5 16.90 10.59 22.30
N PRO B 6 16.78 11.74 21.61
CA PRO B 6 15.71 12.66 21.95
C PRO B 6 14.43 12.39 21.16
N LYS B 7 13.35 13.07 21.52
CA LYS B 7 12.15 13.12 20.71
C LYS B 7 12.44 14.02 19.53
N GLU B 8 11.90 13.67 18.36
CA GLU B 8 12.01 14.53 17.17
C GLU B 8 11.13 15.77 17.34
N ARG B 9 11.75 16.95 17.19
CA ARG B 9 11.10 18.23 17.46
C ARG B 9 10.53 18.91 16.21
N ARG B 10 11.00 18.52 15.03
CA ARG B 10 10.52 19.10 13.78
C ARG B 10 9.06 18.72 13.50
N PRO B 11 8.29 19.61 12.84
CA PRO B 11 6.85 19.34 12.68
C PRO B 11 6.57 18.23 11.67
N GLY B 12 5.65 17.34 12.01
CA GLY B 12 5.32 16.17 11.18
C GLY B 12 6.11 14.91 11.49
N GLU B 13 7.32 15.06 12.03
CA GLU B 13 8.22 13.93 12.27
C GLU B 13 7.81 13.12 13.51
N ASP B 14 7.19 11.96 13.29
CA ASP B 14 6.75 11.05 14.36
C ASP B 14 7.74 9.90 14.64
N ARG B 15 8.81 9.80 13.86
CA ARG B 15 9.80 8.74 14.04
C ARG B 15 10.70 8.98 15.24
N VAL B 16 11.47 7.95 15.60
CA VAL B 16 12.48 8.05 16.65
C VAL B 16 13.64 7.10 16.32
N ALA B 17 14.85 7.47 16.74
CA ALA B 17 16.05 6.69 16.44
C ALA B 17 16.36 5.69 17.55
N ILE B 18 15.38 4.85 17.89
CA ILE B 18 15.53 3.84 18.93
C ILE B 18 14.37 2.83 18.86
N SER B 19 14.63 1.62 19.35
CA SER B 19 13.58 0.62 19.58
C SER B 19 13.95 -0.18 20.82
N PRO B 20 12.96 -0.88 21.43
CA PRO B 20 13.27 -1.75 22.58
C PRO B 20 14.32 -2.85 22.30
N GLU B 21 14.29 -3.46 21.11
CA GLU B 21 15.29 -4.47 20.75
C GLU B 21 16.71 -3.90 20.74
N VAL B 22 16.85 -2.71 20.15
CA VAL B 22 18.16 -2.05 20.02
C VAL B 22 18.66 -1.47 21.36
N VAL B 23 17.75 -1.13 22.27
CA VAL B 23 18.13 -0.70 23.63
C VAL B 23 18.93 -1.79 24.35
N LYS B 24 18.36 -2.99 24.45
CA LYS B 24 19.04 -4.09 25.15
C LYS B 24 20.34 -4.56 24.45
N LYS B 25 20.43 -4.41 23.13
CA LYS B 25 21.68 -4.64 22.39
C LYS B 25 22.76 -3.63 22.79
N LEU B 26 22.38 -2.35 22.87
CA LEU B 26 23.30 -1.30 23.32
C LEU B 26 23.74 -1.49 24.76
N VAL B 27 22.80 -1.92 25.61
CA VAL B 27 23.10 -2.27 27.01
C VAL B 27 24.07 -3.46 27.08
N GLY B 28 23.88 -4.45 26.20
CA GLY B 28 24.80 -5.58 26.09
C GLY B 28 26.20 -5.21 25.65
N LEU B 29 26.30 -4.20 24.76
CA LEU B 29 27.59 -3.61 24.38
C LEU B 29 28.23 -2.79 25.50
N GLY B 30 27.41 -2.37 26.47
CA GLY B 30 27.89 -1.71 27.70
C GLY B 30 27.45 -0.27 27.87
N PHE B 31 26.67 0.26 26.94
CA PHE B 31 26.16 1.63 27.02
C PHE B 31 25.11 1.75 28.12
N GLU B 32 25.00 2.95 28.69
CA GLU B 32 23.82 3.35 29.45
C GLU B 32 22.91 4.11 28.48
N VAL B 33 21.78 3.52 28.14
CA VAL B 33 20.86 4.12 27.16
C VAL B 33 19.91 5.11 27.83
N ILE B 34 19.94 6.36 27.37
CA ILE B 34 19.03 7.40 27.84
C ILE B 34 18.09 7.76 26.70
N VAL B 35 16.83 8.06 27.04
CA VAL B 35 15.84 8.49 26.05
C VAL B 35 14.89 9.54 26.64
N GLU B 36 14.54 10.54 25.85
CA GLU B 36 13.59 11.58 26.27
C GLU B 36 12.20 10.98 26.41
N GLN B 37 11.41 11.48 27.36
CA GLN B 37 10.07 10.95 27.59
C GLN B 37 9.17 11.26 26.39
N GLY B 38 8.36 10.30 26.00
CA GLY B 38 7.43 10.45 24.88
C GLY B 38 8.06 10.48 23.49
N ALA B 39 9.32 10.06 23.38
CA ALA B 39 10.05 10.12 22.11
C ALA B 39 9.51 9.14 21.07
N GLY B 40 8.97 8.00 21.52
CA GLY B 40 8.46 6.96 20.63
C GLY B 40 6.95 6.81 20.57
N VAL B 41 6.21 7.83 21.01
CA VAL B 41 4.74 7.78 21.08
C VAL B 41 4.11 7.75 19.68
N GLY B 42 4.68 8.54 18.77
CA GLY B 42 4.28 8.52 17.37
C GLY B 42 4.66 7.27 16.60
N ALA B 43 5.65 6.53 17.10
CA ALA B 43 6.09 5.27 16.49
C ALA B 43 5.66 4.02 17.30
N SER B 44 4.58 4.15 18.09
CA SER B 44 4.05 3.05 18.91
C SER B 44 5.09 2.37 19.84
N ILE B 45 5.97 3.18 20.42
CA ILE B 45 6.98 2.71 21.39
C ILE B 45 6.78 3.45 22.70
N THR B 46 6.22 2.76 23.69
CA THR B 46 5.94 3.37 24.98
C THR B 46 7.22 3.50 25.79
N ASP B 47 7.22 4.42 26.75
CA ASP B 47 8.34 4.59 27.68
C ASP B 47 8.59 3.34 28.53
N ASP B 48 7.51 2.67 28.93
CA ASP B 48 7.59 1.39 29.67
C ASP B 48 8.30 0.30 28.87
N ALA B 49 8.07 0.25 27.56
CA ALA B 49 8.76 -0.69 26.68
C ALA B 49 10.26 -0.41 26.57
N LEU B 50 10.62 0.88 26.54
CA LEU B 50 12.02 1.30 26.56
C LEU B 50 12.67 1.08 27.94
N THR B 51 11.94 1.38 29.01
CA THR B 51 12.40 1.11 30.38
C THR B 51 12.59 -0.38 30.64
N ALA B 52 11.65 -1.21 30.20
CA ALA B 52 11.74 -2.67 30.33
C ALA B 52 12.93 -3.25 29.57
N ALA B 53 13.22 -2.68 28.39
CA ALA B 53 14.40 -3.03 27.60
C ALA B 53 15.73 -2.68 28.28
N GLY B 54 15.71 -1.70 29.18
CA GLY B 54 16.89 -1.30 29.96
C GLY B 54 17.29 0.17 29.91
N ALA B 55 16.49 1.02 29.26
CA ALA B 55 16.83 2.43 29.08
C ALA B 55 16.39 3.28 30.29
N THR B 56 16.99 4.45 30.40
CA THR B 56 16.57 5.48 31.36
C THR B 56 15.68 6.48 30.63
N ILE B 57 14.55 6.81 31.22
CA ILE B 57 13.69 7.89 30.72
C ILE B 57 14.14 9.20 31.35
N ALA B 58 14.26 10.25 30.53
CA ALA B 58 14.59 11.61 31.00
C ALA B 58 13.41 12.54 30.77
N SER B 59 13.24 13.52 31.66
CA SER B 59 12.08 14.43 31.62
C SER B 59 12.07 15.39 30.43
N THR B 60 13.24 15.90 30.07
CA THR B 60 13.37 16.88 28.97
C THR B 60 14.45 16.44 28.00
N ALA B 61 14.56 17.18 26.89
CA ALA B 61 15.60 16.94 25.88
C ALA B 61 16.99 17.30 26.40
N ALA B 62 17.10 18.45 27.06
CA ALA B 62 18.38 18.93 27.62
C ALA B 62 19.00 17.93 28.60
N GLN B 63 18.16 17.37 29.47
CA GLN B 63 18.60 16.41 30.48
C GLN B 63 19.06 15.07 29.90
N ALA B 64 18.46 14.65 28.79
CA ALA B 64 18.86 13.42 28.09
C ALA B 64 20.19 13.58 27.36
N LEU B 65 20.37 14.74 26.73
CA LEU B 65 21.52 15.04 25.88
C LEU B 65 22.65 15.78 26.60
N SER B 66 22.46 16.14 27.88
CA SER B 66 23.51 16.84 28.66
C SER B 66 24.80 16.03 28.40
N GLN B 67 24.81 14.71 28.60
CA GLN B 67 25.77 14.10 29.51
C GLN B 67 26.59 13.14 28.59
N ALA B 68 26.40 13.19 27.26
CA ALA B 68 25.60 12.19 26.51
C ALA B 68 26.70 11.97 25.46
N ASP B 69 27.49 10.92 25.64
CA ASP B 69 28.71 10.72 24.84
C ASP B 69 28.39 10.47 23.37
N VAL B 70 27.29 9.74 23.12
CA VAL B 70 26.78 9.52 21.78
C VAL B 70 25.33 10.05 21.71
N VAL B 71 24.98 10.67 20.58
CA VAL B 71 23.61 11.11 20.31
C VAL B 71 23.10 10.48 19.01
N TRP B 72 22.02 9.72 19.12
CA TRP B 72 21.32 9.15 17.98
C TRP B 72 20.07 9.99 17.72
N LYS B 73 19.80 10.28 16.45
CA LYS B 73 18.70 11.17 16.06
C LYS B 73 18.29 10.80 14.64
N VAL B 74 17.09 11.23 14.24
CA VAL B 74 16.58 10.94 12.88
C VAL B 74 16.87 12.13 11.96
N GLN B 75 16.24 13.27 12.22
CA GLN B 75 16.44 14.49 11.42
C GLN B 75 17.65 15.24 11.96
N ARG B 76 18.11 16.25 11.20
CA ARG B 76 19.25 17.06 11.63
C ARG B 76 18.83 17.94 12.81
N PRO B 77 19.77 18.34 13.68
CA PRO B 77 19.38 19.19 14.80
C PRO B 77 19.05 20.62 14.36
N MET B 78 18.06 21.22 15.00
CA MET B 78 17.67 22.61 14.73
C MET B 78 18.77 23.59 15.18
N THR B 79 19.28 24.37 14.22
CA THR B 79 20.28 25.41 14.51
C THR B 79 19.59 26.64 15.06
N ALA B 80 20.40 27.53 15.64
CA ALA B 80 19.92 28.82 16.13
C ALA B 80 19.43 29.74 15.00
N GLU B 81 19.99 29.57 13.79
CA GLU B 81 19.53 30.29 12.59
C GLU B 81 18.08 29.96 12.20
N GLU B 82 17.59 28.81 12.65
CA GLU B 82 16.17 28.44 12.58
C GLU B 82 15.47 28.63 13.94
N GLY B 83 15.92 29.60 14.73
CA GLY B 83 15.35 29.88 16.04
C GLY B 83 15.82 28.95 17.14
N THR B 84 15.12 27.83 17.31
CA THR B 84 15.38 26.87 18.41
C THR B 84 16.71 26.14 18.24
N ASP B 85 17.49 26.06 19.32
CA ASP B 85 18.89 25.60 19.28
C ASP B 85 19.06 24.19 19.88
N GLU B 86 18.99 23.17 19.04
CA GLU B 86 19.17 21.77 19.48
C GLU B 86 20.64 21.39 19.64
N VAL B 87 21.49 21.87 18.74
CA VAL B 87 22.94 21.61 18.81
C VAL B 87 23.57 22.12 20.13
N ALA B 88 23.00 23.18 20.70
CA ALA B 88 23.41 23.70 22.01
C ALA B 88 23.17 22.70 23.16
N LEU B 89 22.18 21.83 23.03
CA LEU B 89 21.91 20.79 24.04
C LEU B 89 22.93 19.64 24.03
N ILE B 90 23.64 19.45 22.92
CA ILE B 90 24.59 18.33 22.78
C ILE B 90 25.90 18.65 23.50
N LYS B 91 26.48 17.64 24.17
CA LYS B 91 27.74 17.75 24.91
C LYS B 91 28.91 18.05 23.98
N GLU B 92 29.92 18.77 24.50
CA GLU B 92 31.14 19.02 23.74
C GLU B 92 31.95 17.74 23.61
N GLY B 93 32.45 17.47 22.40
CA GLY B 93 33.20 16.25 22.13
C GLY B 93 32.35 14.98 22.08
N ALA B 94 31.04 15.14 21.88
CA ALA B 94 30.13 14.01 21.77
C ALA B 94 30.07 13.56 20.31
N VAL B 95 29.46 12.40 20.10
CA VAL B 95 29.29 11.83 18.78
C VAL B 95 27.82 11.98 18.37
N LEU B 96 27.57 12.53 17.19
CA LEU B 96 26.21 12.64 16.64
C LEU B 96 26.05 11.75 15.42
N MET B 97 24.92 11.03 15.35
CA MET B 97 24.61 10.13 14.24
C MET B 97 23.16 10.30 13.82
N CYS B 98 22.96 10.82 12.60
CA CYS B 98 21.63 11.10 12.06
C CYS B 98 21.70 11.46 10.59
N HIS B 99 20.53 11.63 9.97
CA HIS B 99 20.43 12.26 8.65
C HIS B 99 20.68 13.76 8.84
N LEU B 100 21.82 14.24 8.34
CA LEU B 100 22.19 15.66 8.47
C LEU B 100 21.78 16.54 7.29
N GLY B 101 21.62 15.94 6.11
CA GLY B 101 21.46 16.72 4.87
C GLY B 101 22.63 17.64 4.65
N ALA B 102 23.85 17.10 4.84
CA ALA B 102 25.06 17.90 4.93
C ALA B 102 25.42 18.66 3.66
N LEU B 103 25.13 18.05 2.52
CA LEU B 103 25.48 18.63 1.22
C LEU B 103 24.64 19.87 0.88
N THR B 104 23.40 19.91 1.36
CA THR B 104 22.51 21.06 1.19
C THR B 104 22.43 21.96 2.42
N ASN B 105 22.90 21.48 3.57
CA ASN B 105 22.88 22.24 4.83
C ASN B 105 24.27 22.29 5.46
N ARG B 106 25.09 23.21 4.97
CA ARG B 106 26.40 23.46 5.59
C ARG B 106 26.35 24.20 6.94
N PRO B 107 25.36 25.12 7.16
CA PRO B 107 25.27 25.78 8.46
C PRO B 107 25.16 24.89 9.70
N VAL B 108 24.42 23.78 9.61
CA VAL B 108 24.32 22.83 10.74
C VAL B 108 25.66 22.14 11.02
N VAL B 109 26.45 21.90 9.98
CA VAL B 109 27.81 21.35 10.11
C VAL B 109 28.73 22.37 10.79
N GLU B 110 28.67 23.62 10.34
CA GLU B 110 29.40 24.73 10.98
C GLU B 110 29.01 24.89 12.45
N ALA B 111 27.72 24.75 12.75
CA ALA B 111 27.22 24.84 14.13
C ALA B 111 27.73 23.68 14.99
N LEU B 112 27.66 22.47 14.44
CA LEU B 112 28.17 21.26 15.11
C LEU B 112 29.69 21.32 15.35
N THR B 113 30.41 21.90 14.39
CA THR B 113 31.84 22.15 14.51
C THR B 113 32.19 23.08 15.68
N LYS B 114 31.36 24.10 15.92
CA LYS B 114 31.63 25.10 16.96
C LYS B 114 31.56 24.55 18.41
N ARG B 115 30.90 23.41 18.60
CA ARG B 115 30.91 22.71 19.91
C ARG B 115 31.84 21.48 19.93
N LYS B 116 32.73 21.35 18.94
CA LYS B 116 33.61 20.18 18.77
C LYS B 116 32.87 18.84 18.71
N ILE B 117 31.65 18.85 18.17
CA ILE B 117 30.83 17.64 18.10
C ILE B 117 31.25 16.85 16.86
N THR B 118 31.56 15.57 17.04
CA THR B 118 31.87 14.68 15.92
C THR B 118 30.55 14.20 15.30
N ALA B 119 30.28 14.63 14.08
CA ALA B 119 28.98 14.36 13.42
C ALA B 119 29.14 13.46 12.21
N TYR B 120 28.36 12.38 12.17
CA TYR B 120 28.33 11.45 11.04
C TYR B 120 27.02 11.59 10.27
N ALA B 121 27.10 12.14 9.04
CA ALA B 121 25.93 12.31 8.18
C ALA B 121 25.58 10.99 7.52
N MET B 122 24.55 10.32 8.02
CA MET B 122 24.23 8.95 7.61
C MET B 122 23.75 8.82 6.16
N GLU B 123 23.27 9.90 5.55
CA GLU B 123 22.87 9.90 4.14
C GLU B 123 24.05 9.78 3.14
N LEU B 124 25.28 10.00 3.62
CA LEU B 124 26.48 9.81 2.79
C LEU B 124 27.07 8.40 2.92
N MET B 125 26.25 7.42 3.32
CA MET B 125 26.67 6.03 3.42
C MET B 125 26.92 5.48 2.01
N PRO B 126 28.08 4.83 1.78
CA PRO B 126 28.27 4.21 0.46
C PRO B 126 27.25 3.09 0.19
N ARG B 127 26.70 3.07 -1.03
CA ARG B 127 25.62 2.17 -1.40
C ARG B 127 26.13 0.84 -1.91
N ILE B 128 26.67 0.06 -0.97
CA ILE B 128 27.29 -1.22 -1.27
C ILE B 128 26.63 -2.29 -0.41
N SER B 129 26.73 -3.54 -0.86
CA SER B 129 26.05 -4.68 -0.23
C SER B 129 26.25 -4.77 1.26
N ARG B 130 27.50 -4.62 1.66
CA ARG B 130 27.94 -4.79 3.05
C ARG B 130 27.47 -3.65 3.98
N ALA B 131 27.25 -2.46 3.42
CA ALA B 131 26.76 -1.31 4.19
C ALA B 131 25.23 -1.27 4.35
N GLN B 132 24.51 -2.24 3.79
CA GLN B 132 23.04 -2.27 3.85
C GLN B 132 22.45 -2.52 5.22
N SER B 133 23.17 -3.23 6.07
CA SER B 133 22.78 -3.35 7.47
C SER B 133 22.71 -1.99 8.16
N MET B 134 23.48 -1.01 7.66
CA MET B 134 23.65 0.31 8.27
C MET B 134 23.24 1.47 7.33
N ASP B 135 22.33 1.19 6.40
CA ASP B 135 21.89 2.16 5.37
C ASP B 135 20.51 2.73 5.69
N ILE B 136 20.48 3.98 6.17
CA ILE B 136 19.22 4.65 6.52
C ILE B 136 18.41 5.09 5.28
N LEU B 137 19.10 5.43 4.20
CA LEU B 137 18.44 5.77 2.94
C LEU B 137 17.59 4.62 2.41
N SER B 138 18.17 3.41 2.40
CA SER B 138 17.49 2.22 1.85
C SER B 138 16.24 1.80 2.64
N SER B 139 16.37 1.70 3.95
CA SER B 139 15.25 1.27 4.80
C SER B 139 14.09 2.27 4.79
N GLN B 140 14.40 3.56 4.72
CA GLN B 140 13.40 4.62 4.77
C GLN B 140 12.76 4.93 3.40
N SER B 141 13.57 4.92 2.33
CA SER B 141 13.06 5.05 0.96
C SER B 141 12.11 3.92 0.58
N ASN B 142 12.45 2.69 0.98
CA ASN B 142 11.62 1.51 0.71
C ASN B 142 10.20 1.70 1.24
N LEU B 143 10.10 2.12 2.49
CA LEU B 143 8.80 2.45 3.09
C LEU B 143 8.15 3.67 2.43
N ALA B 144 8.96 4.66 2.07
CA ALA B 144 8.46 5.86 1.37
C ALA B 144 7.88 5.55 -0.01
N GLY B 145 8.52 4.61 -0.71
CA GLY B 145 8.00 4.08 -1.97
C GLY B 145 6.71 3.31 -1.83
N TYR B 146 6.64 2.46 -0.80
CA TYR B 146 5.39 1.79 -0.43
C TYR B 146 4.29 2.81 -0.12
N ARG B 147 4.63 3.83 0.66
CA ARG B 147 3.67 4.87 1.07
C ARG B 147 3.06 5.65 -0.08
N ALA B 148 3.87 5.97 -1.07
CA ALA B 148 3.41 6.71 -2.25
C ALA B 148 2.21 6.04 -2.90
N VAL B 149 2.24 4.71 -2.99
CA VAL B 149 1.15 3.93 -3.60
C VAL B 149 -0.10 3.94 -2.72
N ILE B 150 0.07 3.81 -1.41
CA ILE B 150 -1.05 3.90 -0.47
C ILE B 150 -1.67 5.30 -0.52
N ASP B 151 -0.84 6.33 -0.51
CA ASP B 151 -1.29 7.72 -0.63
C ASP B 151 -1.93 8.03 -1.98
N GLY B 152 -1.36 7.47 -3.05
CA GLY B 152 -1.94 7.58 -4.39
C GLY B 152 -3.31 6.94 -4.47
N ALA B 153 -3.42 5.71 -3.97
CA ALA B 153 -4.70 5.00 -3.89
C ALA B 153 -5.73 5.70 -3.01
N TYR B 154 -5.26 6.38 -1.96
CA TYR B 154 -6.12 7.15 -1.07
C TYR B 154 -6.65 8.41 -1.74
N GLU B 155 -5.80 9.12 -2.47
CA GLU B 155 -6.24 10.33 -3.16
C GLU B 155 -7.00 10.04 -4.46
N PHE B 156 -6.78 8.88 -5.06
CA PHE B 156 -7.37 8.54 -6.35
C PHE B 156 -8.79 7.97 -6.21
N ALA B 157 -9.69 8.41 -7.10
CA ALA B 157 -11.13 8.11 -7.01
C ALA B 157 -11.59 6.84 -7.74
N ARG B 158 -10.66 6.06 -8.30
CA ARG B 158 -10.97 4.71 -8.80
C ARG B 158 -10.17 3.68 -8.02
N ALA B 159 -10.59 2.43 -8.15
CA ALA B 159 -9.87 1.32 -7.54
C ALA B 159 -8.68 0.94 -8.41
N PHE B 160 -7.60 0.52 -7.76
CA PHE B 160 -6.39 0.04 -8.46
C PHE B 160 -6.65 -1.13 -9.39
N PRO B 161 -7.19 -2.26 -8.87
CA PRO B 161 -7.33 -3.41 -9.74
C PRO B 161 -8.50 -3.29 -10.70
N MET B 162 -8.40 -3.99 -11.81
CA MET B 162 -9.55 -4.24 -12.67
C MET B 162 -10.57 -5.06 -11.87
N MET B 163 -11.85 -4.73 -12.05
CA MET B 163 -12.92 -5.49 -11.43
C MET B 163 -13.96 -5.83 -12.48
N MET B 164 -14.28 -7.12 -12.58
CA MET B 164 -15.31 -7.63 -13.49
C MET B 164 -16.52 -8.02 -12.66
N THR B 165 -17.53 -7.13 -12.64
CA THR B 165 -18.73 -7.29 -11.80
C THR B 165 -19.98 -7.50 -12.65
N ALA B 166 -21.09 -7.80 -11.98
CA ALA B 166 -22.39 -7.99 -12.64
C ALA B 166 -22.94 -6.70 -13.26
N ALA B 167 -22.65 -5.57 -12.62
CA ALA B 167 -23.01 -4.25 -13.15
C ALA B 167 -22.14 -3.83 -14.35
N GLY B 168 -20.94 -4.39 -14.45
CA GLY B 168 -20.04 -4.14 -15.59
C GLY B 168 -18.58 -4.22 -15.18
N THR B 169 -17.70 -3.76 -16.06
CA THR B 169 -16.26 -3.82 -15.84
C THR B 169 -15.68 -2.42 -15.72
N VAL B 170 -14.77 -2.23 -14.77
CA VAL B 170 -14.02 -0.98 -14.63
C VAL B 170 -12.53 -1.27 -14.83
N PRO B 171 -11.82 -0.41 -15.59
CA PRO B 171 -10.42 -0.69 -15.90
C PRO B 171 -9.50 -0.52 -14.70
N PRO B 172 -8.26 -1.01 -14.79
CA PRO B 172 -7.32 -0.81 -13.70
C PRO B 172 -6.78 0.62 -13.69
N ALA B 173 -6.26 1.05 -12.54
CA ALA B 173 -5.50 2.30 -12.45
C ALA B 173 -4.20 2.14 -13.25
N ARG B 174 -3.80 3.20 -13.94
CA ARG B 174 -2.55 3.22 -14.69
C ARG B 174 -1.55 4.07 -13.91
N VAL B 175 -0.44 3.46 -13.51
CA VAL B 175 0.58 4.12 -12.68
C VAL B 175 1.84 4.33 -13.52
N LEU B 176 2.49 5.48 -13.35
CA LEU B 176 3.80 5.76 -13.94
C LEU B 176 4.77 6.16 -12.84
N VAL B 177 5.91 5.46 -12.74
CA VAL B 177 6.91 5.74 -11.71
C VAL B 177 8.13 6.41 -12.35
N PHE B 178 8.36 7.67 -11.99
CA PHE B 178 9.54 8.42 -12.44
C PHE B 178 10.63 8.22 -11.41
N GLY B 179 11.76 7.65 -11.83
CA GLY B 179 12.86 7.37 -10.94
C GLY B 179 12.68 6.02 -10.26
N VAL B 180 13.58 5.10 -10.57
CA VAL B 180 13.45 3.70 -10.14
C VAL B 180 14.67 3.34 -9.27
N GLY B 181 14.79 4.04 -8.15
CA GLY B 181 15.73 3.68 -7.10
C GLY B 181 15.05 2.71 -6.15
N VAL B 182 15.38 2.80 -4.87
CA VAL B 182 14.81 1.92 -3.85
C VAL B 182 13.32 2.20 -3.68
N ALA B 183 12.96 3.48 -3.57
CA ALA B 183 11.57 3.89 -3.40
C ALA B 183 10.74 3.56 -4.64
N GLY B 184 11.23 3.97 -5.80
CA GLY B 184 10.58 3.68 -7.08
C GLY B 184 10.27 2.22 -7.30
N LEU B 185 11.22 1.35 -6.96
CA LEU B 185 11.02 -0.11 -7.13
C LEU B 185 9.93 -0.69 -6.22
N GLN B 186 9.89 -0.26 -4.96
CA GLN B 186 8.85 -0.69 -4.04
C GLN B 186 7.47 -0.11 -4.41
N ALA B 187 7.44 1.06 -5.03
CA ALA B 187 6.21 1.63 -5.57
C ALA B 187 5.67 0.77 -6.71
N ILE B 188 6.56 0.31 -7.59
CA ILE B 188 6.16 -0.57 -8.69
C ILE B 188 5.57 -1.85 -8.10
N ALA B 189 6.28 -2.46 -7.16
CA ALA B 189 5.84 -3.70 -6.51
C ALA B 189 4.47 -3.55 -5.83
N THR B 190 4.30 -2.50 -5.05
CA THR B 190 3.05 -2.25 -4.33
C THR B 190 1.90 -1.88 -5.27
N ALA B 191 2.19 -1.11 -6.33
CA ALA B 191 1.18 -0.76 -7.33
C ALA B 191 0.79 -1.97 -8.18
N LYS B 192 1.78 -2.75 -8.58
CA LYS B 192 1.56 -3.96 -9.38
C LYS B 192 0.74 -4.99 -8.61
N ARG B 193 1.09 -5.25 -7.35
CA ARG B 193 0.37 -6.24 -6.54
C ARG B 193 -1.08 -5.83 -6.18
N LEU B 194 -1.36 -4.52 -6.19
CA LEU B 194 -2.73 -3.99 -6.09
C LEU B 194 -3.55 -4.11 -7.37
N GLY B 195 -2.91 -4.46 -8.49
CA GLY B 195 -3.61 -4.74 -9.75
C GLY B 195 -3.50 -3.67 -10.82
N ALA B 196 -2.73 -2.60 -10.56
CA ALA B 196 -2.54 -1.51 -11.51
C ALA B 196 -1.58 -1.89 -12.63
N VAL B 197 -1.75 -1.26 -13.79
CA VAL B 197 -0.82 -1.37 -14.91
C VAL B 197 0.26 -0.33 -14.63
N VAL B 198 1.52 -0.78 -14.56
CA VAL B 198 2.62 0.06 -14.10
C VAL B 198 3.65 0.29 -15.20
N MET B 199 3.83 1.56 -15.56
CA MET B 199 4.95 2.01 -16.39
C MET B 199 6.00 2.63 -15.49
N ALA B 200 7.23 2.74 -16.00
CA ALA B 200 8.31 3.39 -15.25
C ALA B 200 9.44 3.86 -16.16
N THR B 201 10.21 4.83 -15.67
CA THR B 201 11.38 5.34 -16.40
C THR B 201 12.46 5.87 -15.46
N ASP B 202 13.68 5.94 -15.97
CA ASP B 202 14.87 6.32 -15.20
C ASP B 202 15.97 6.60 -16.21
N VAL B 203 17.01 7.31 -15.78
CA VAL B 203 18.22 7.54 -16.60
C VAL B 203 19.22 6.38 -16.59
N ARG B 204 19.33 5.66 -15.48
CA ARG B 204 20.36 4.60 -15.33
C ARG B 204 20.00 3.34 -16.11
N ALA B 205 20.97 2.83 -16.89
CA ALA B 205 20.74 1.69 -17.79
C ALA B 205 20.30 0.41 -17.09
N ALA B 206 20.82 0.17 -15.88
CA ALA B 206 20.45 -1.00 -15.08
C ALA B 206 18.95 -1.11 -14.75
N THR B 207 18.27 0.04 -14.70
CA THR B 207 16.85 0.11 -14.36
C THR B 207 15.91 -0.70 -15.24
N LYS B 208 16.11 -0.68 -16.55
CA LYS B 208 15.18 -1.30 -17.48
C LYS B 208 14.84 -2.73 -17.07
N GLU B 209 15.89 -3.53 -16.86
CA GLU B 209 15.74 -4.91 -16.39
C GLU B 209 15.10 -4.97 -14.99
N GLN B 210 15.48 -4.04 -14.11
CA GLN B 210 14.91 -3.96 -12.76
C GLN B 210 13.39 -3.69 -12.73
N VAL B 211 12.92 -2.84 -13.64
CA VAL B 211 11.48 -2.59 -13.81
C VAL B 211 10.77 -3.83 -14.34
N GLU B 212 11.36 -4.47 -15.33
CA GLU B 212 10.84 -5.70 -15.94
C GLU B 212 10.86 -6.89 -14.97
N SER B 213 11.78 -6.87 -14.01
CA SER B 213 11.85 -7.91 -12.98
C SER B 213 10.66 -7.90 -12.01
N LEU B 214 9.95 -6.77 -11.93
CA LEU B 214 8.69 -6.64 -11.17
C LEU B 214 7.43 -6.60 -12.08
N GLY B 215 7.56 -7.08 -13.32
CA GLY B 215 6.43 -7.09 -14.26
C GLY B 215 5.96 -5.74 -14.77
N GLY B 216 6.76 -4.70 -14.60
CA GLY B 216 6.45 -3.35 -15.10
C GLY B 216 7.04 -3.18 -16.47
N LYS B 217 6.61 -2.11 -17.16
CA LYS B 217 7.10 -1.76 -18.50
C LYS B 217 7.97 -0.52 -18.41
N PHE B 218 9.22 -0.63 -18.85
CA PHE B 218 10.12 0.50 -18.88
C PHE B 218 9.86 1.36 -20.12
N ILE B 219 9.87 2.68 -19.94
CA ILE B 219 9.77 3.64 -21.05
C ILE B 219 11.19 4.10 -21.40
N THR B 220 11.73 3.59 -22.51
CA THR B 220 13.04 3.99 -23.00
C THR B 220 12.93 5.34 -23.70
N VAL B 221 13.98 6.16 -23.58
CA VAL B 221 14.02 7.47 -24.26
C VAL B 221 15.27 7.62 -25.17
N ASP B 222 16.43 7.21 -24.66
CA ASP B 222 17.69 7.30 -25.41
C ASP B 222 18.72 6.39 -24.72
N ASP B 223 18.73 5.12 -25.10
CA ASP B 223 19.65 4.14 -24.46
C ASP B 223 21.13 4.48 -24.69
N GLU B 224 21.45 5.07 -25.84
CA GLU B 224 22.75 5.67 -26.10
C GLU B 224 22.83 7.04 -25.39
N ALA B 225 23.11 6.99 -24.08
CA ALA B 225 23.09 8.15 -23.15
C ALA B 225 22.89 7.65 -21.71
N MET B 226 21.99 6.67 -21.57
CA MET B 226 21.81 5.95 -20.32
C MET B 226 23.02 5.10 -19.89
N LYS B 227 23.91 4.80 -20.84
CA LYS B 227 25.17 4.11 -20.55
C LYS B 227 26.04 4.87 -19.56
N THR B 228 26.16 6.19 -19.75
CA THR B 228 27.01 7.06 -18.92
C THR B 228 26.27 7.75 -17.75
N ALA B 229 24.98 7.45 -17.58
CA ALA B 229 24.13 8.13 -16.59
C ALA B 229 24.46 7.81 -15.13
N GLU B 230 25.01 6.62 -14.88
CA GLU B 230 25.31 6.15 -13.53
C GLU B 230 26.74 6.50 -13.09
N THR B 231 26.86 7.10 -11.90
CA THR B 231 28.16 7.42 -11.30
C THR B 231 28.77 6.17 -10.66
N ALA B 232 30.00 6.30 -10.18
CA ALA B 232 30.70 5.20 -9.49
C ALA B 232 29.93 4.64 -8.29
N GLY B 233 29.24 5.52 -7.54
CA GLY B 233 28.42 5.11 -6.39
C GLY B 233 26.98 4.70 -6.65
N GLY B 234 26.58 4.63 -7.93
CA GLY B 234 25.24 4.21 -8.33
C GLY B 234 24.22 5.31 -8.48
N TYR B 235 24.63 6.56 -8.26
CA TYR B 235 23.72 7.71 -8.37
C TYR B 235 23.64 8.22 -9.80
N ALA B 236 22.58 8.97 -10.09
CA ALA B 236 22.37 9.57 -11.40
C ALA B 236 23.15 10.88 -11.53
N LYS B 237 23.66 11.14 -12.73
CA LYS B 237 24.36 12.39 -13.04
C LYS B 237 23.32 13.44 -13.44
N GLU B 238 23.75 14.70 -13.49
CA GLU B 238 22.94 15.76 -14.10
C GLU B 238 22.93 15.50 -15.61
N MET B 239 21.74 15.58 -16.21
CA MET B 239 21.50 14.98 -17.51
C MET B 239 21.55 15.92 -18.72
N GLY B 240 21.21 17.19 -18.53
CA GLY B 240 21.27 18.19 -19.61
C GLY B 240 19.96 18.32 -20.36
N GLU B 241 19.72 19.49 -20.94
CA GLU B 241 18.44 19.80 -21.62
C GLU B 241 18.12 18.96 -22.86
N GLU B 242 19.17 18.55 -23.58
CA GLU B 242 19.04 17.73 -24.79
C GLU B 242 18.29 16.43 -24.47
N PHE B 243 18.71 15.76 -23.40
CA PHE B 243 18.05 14.55 -22.91
C PHE B 243 16.69 14.86 -22.28
N ARG B 244 16.66 15.88 -21.43
CA ARG B 244 15.45 16.27 -20.70
C ARG B 244 14.26 16.53 -21.62
N LYS B 245 14.49 17.26 -22.72
CA LYS B 245 13.46 17.49 -23.74
C LYS B 245 12.92 16.18 -24.32
N LYS B 246 13.84 15.27 -24.60
CA LYS B 246 13.54 14.01 -25.26
C LYS B 246 12.80 13.07 -24.30
N GLN B 247 13.11 13.17 -23.02
CA GLN B 247 12.41 12.43 -21.96
C GLN B 247 10.95 12.87 -21.82
N ALA B 248 10.73 14.17 -21.73
CA ALA B 248 9.38 14.73 -21.61
C ALA B 248 8.49 14.37 -22.80
N GLU B 249 9.06 14.45 -24.00
CA GLU B 249 8.41 14.02 -25.24
C GLU B 249 8.07 12.52 -25.20
N ALA B 250 9.07 11.70 -24.92
CA ALA B 250 8.92 10.25 -24.89
C ALA B 250 7.96 9.74 -23.83
N VAL B 251 7.98 10.37 -22.65
CA VAL B 251 7.09 10.00 -21.55
C VAL B 251 5.65 10.53 -21.71
N LEU B 252 5.46 11.55 -22.56
CA LEU B 252 4.17 12.22 -22.74
C LEU B 252 3.04 11.26 -23.13
N LYS B 253 3.33 10.35 -24.07
CA LYS B 253 2.34 9.40 -24.58
C LYS B 253 1.68 8.58 -23.47
N GLU B 254 2.49 8.05 -22.55
CA GLU B 254 1.98 7.30 -21.39
C GLU B 254 1.38 8.21 -20.32
N LEU B 255 1.96 9.40 -20.14
CA LEU B 255 1.53 10.33 -19.08
C LEU B 255 0.13 10.91 -19.31
N VAL B 256 -0.29 11.01 -20.57
CA VAL B 256 -1.67 11.40 -20.93
C VAL B 256 -2.69 10.33 -20.51
N LYS B 257 -2.28 9.06 -20.53
CA LYS B 257 -3.10 7.93 -20.05
C LYS B 257 -2.95 7.61 -18.55
N THR B 258 -1.95 8.18 -17.89
CA THR B 258 -1.63 7.84 -16.50
C THR B 258 -2.64 8.45 -15.52
N ASP B 259 -3.03 7.64 -14.54
CA ASP B 259 -3.88 8.08 -13.45
C ASP B 259 -3.06 8.60 -12.27
N ILE B 260 -2.04 7.82 -11.88
CA ILE B 260 -1.22 8.15 -10.71
C ILE B 260 0.26 8.19 -11.10
N ALA B 261 0.86 9.38 -11.04
CA ALA B 261 2.29 9.56 -11.30
C ALA B 261 3.06 9.72 -9.99
N ILE B 262 3.91 8.74 -9.68
CA ILE B 262 4.73 8.77 -8.47
C ILE B 262 6.16 9.13 -8.88
N THR B 263 6.64 10.29 -8.43
CA THR B 263 7.96 10.81 -8.83
C THR B 263 8.91 10.79 -7.65
N THR B 264 10.09 10.18 -7.86
CA THR B 264 11.05 9.92 -6.78
C THR B 264 12.50 10.33 -7.09
N ALA B 265 12.73 11.04 -8.20
CA ALA B 265 14.09 11.22 -8.71
C ALA B 265 14.88 12.25 -7.92
N LEU B 266 16.12 11.88 -7.53
CA LEU B 266 17.01 12.74 -6.76
C LEU B 266 18.42 12.70 -7.34
N ILE B 267 19.16 13.80 -7.13
CA ILE B 267 20.58 13.90 -7.46
C ILE B 267 21.31 14.39 -6.20
N PRO B 268 22.35 13.66 -5.73
CA PRO B 268 23.06 14.10 -4.51
C PRO B 268 23.64 15.51 -4.58
N GLY B 269 23.29 16.35 -3.61
CA GLY B 269 23.76 17.74 -3.54
C GLY B 269 22.90 18.74 -4.31
N LYS B 270 22.48 18.35 -5.51
CA LYS B 270 21.83 19.25 -6.46
C LYS B 270 20.32 19.28 -6.21
N PRO B 271 19.61 20.31 -6.73
CA PRO B 271 18.14 20.27 -6.69
C PRO B 271 17.57 19.15 -7.57
N ALA B 272 16.39 18.66 -7.21
CA ALA B 272 15.78 17.52 -7.89
C ALA B 272 15.41 17.88 -9.32
N PRO B 273 15.57 16.94 -10.27
CA PRO B 273 15.35 17.25 -11.68
C PRO B 273 13.87 17.41 -12.02
N VAL B 274 13.54 18.40 -12.84
CA VAL B 274 12.16 18.59 -13.30
C VAL B 274 11.84 17.49 -14.29
N LEU B 275 10.92 16.60 -13.90
CA LEU B 275 10.47 15.49 -14.76
C LEU B 275 9.04 15.65 -15.27
N ILE B 276 8.21 16.42 -14.55
CA ILE B 276 6.87 16.75 -14.99
C ILE B 276 6.75 18.28 -14.98
N THR B 277 6.68 18.87 -16.17
CA THR B 277 6.59 20.33 -16.32
C THR B 277 5.17 20.79 -16.04
N GLU B 278 4.98 22.11 -15.99
CA GLU B 278 3.63 22.66 -15.84
C GLU B 278 2.75 22.31 -17.04
N GLU B 279 3.31 22.44 -18.25
CA GLU B 279 2.62 22.05 -19.49
C GLU B 279 2.20 20.59 -19.47
N MET B 280 3.05 19.72 -18.92
CA MET B 280 2.73 18.30 -18.77
C MET B 280 1.55 18.08 -17.81
N VAL B 281 1.50 18.84 -16.72
CA VAL B 281 0.36 18.80 -15.77
C VAL B 281 -0.97 19.18 -16.44
N THR B 282 -0.95 20.17 -17.33
CA THR B 282 -2.16 20.60 -18.06
C THR B 282 -2.73 19.50 -18.96
N LYS B 283 -1.86 18.65 -19.49
CA LYS B 283 -2.24 17.62 -20.46
C LYS B 283 -2.68 16.28 -19.85
N MET B 284 -2.53 16.11 -18.53
CA MET B 284 -3.01 14.91 -17.84
C MET B 284 -4.52 14.95 -17.69
N LYS B 285 -5.15 13.78 -17.63
CA LYS B 285 -6.61 13.70 -17.52
C LYS B 285 -7.08 14.20 -16.15
N PRO B 286 -8.31 14.78 -16.09
CA PRO B 286 -8.85 15.18 -14.77
C PRO B 286 -9.05 14.00 -13.83
N GLY B 287 -8.95 14.25 -12.53
CA GLY B 287 -8.96 13.20 -11.50
C GLY B 287 -7.62 12.51 -11.27
N SER B 288 -6.59 12.88 -12.06
CA SER B 288 -5.25 12.33 -11.90
C SER B 288 -4.60 12.90 -10.65
N VAL B 289 -3.56 12.22 -10.19
CA VAL B 289 -2.84 12.62 -8.99
C VAL B 289 -1.35 12.42 -9.23
N ILE B 290 -0.55 13.32 -8.68
CA ILE B 290 0.90 13.19 -8.67
C ILE B 290 1.35 13.10 -7.22
N ILE B 291 2.17 12.10 -6.90
CA ILE B 291 2.84 11.99 -5.60
C ILE B 291 4.29 12.38 -5.81
N ASP B 292 4.73 13.48 -5.19
CA ASP B 292 6.09 14.00 -5.36
C ASP B 292 6.93 13.72 -4.12
N LEU B 293 7.63 12.58 -4.14
CA LEU B 293 8.53 12.22 -3.04
C LEU B 293 9.79 13.08 -3.00
N ALA B 294 10.16 13.69 -4.13
CA ALA B 294 11.29 14.63 -4.21
C ALA B 294 10.93 16.08 -3.81
N VAL B 295 9.73 16.30 -3.27
CA VAL B 295 9.25 17.65 -2.90
C VAL B 295 10.18 18.41 -1.95
N GLU B 296 10.83 17.70 -1.03
CA GLU B 296 11.75 18.33 -0.07
C GLU B 296 13.08 18.78 -0.68
N ALA B 297 13.41 18.28 -1.88
CA ALA B 297 14.53 18.78 -2.68
C ALA B 297 14.01 19.56 -3.90
N GLY B 298 12.98 20.39 -3.70
CA GLY B 298 12.39 21.21 -4.76
C GLY B 298 11.33 20.56 -5.65
N GLY B 299 11.22 19.23 -5.62
CA GLY B 299 10.19 18.50 -6.38
C GLY B 299 10.56 18.18 -7.81
N ASN B 300 10.16 16.99 -8.27
CA ASN B 300 10.24 16.62 -9.69
C ASN B 300 9.15 17.29 -10.49
N CYS B 301 7.99 17.49 -9.86
CA CYS B 301 6.94 18.33 -10.40
C CYS B 301 6.94 19.61 -9.58
N PRO B 302 7.50 20.70 -10.12
CA PRO B 302 7.80 21.86 -9.29
C PRO B 302 6.61 22.74 -8.88
N LEU B 303 5.41 22.44 -9.40
CA LEU B 303 4.15 22.97 -8.85
C LEU B 303 3.77 22.40 -7.49
N SER B 304 4.41 21.29 -7.08
CA SER B 304 4.18 20.72 -5.76
C SER B 304 4.71 21.64 -4.67
N GLU B 305 4.11 21.55 -3.48
CA GLU B 305 4.49 22.38 -2.34
C GLU B 305 4.66 21.49 -1.10
N PRO B 306 5.75 21.70 -0.31
CA PRO B 306 5.97 20.86 0.88
C PRO B 306 4.84 20.92 1.90
N GLY B 307 4.43 19.74 2.38
CA GLY B 307 3.39 19.61 3.38
C GLY B 307 1.97 19.93 2.92
N LYS B 308 1.76 19.97 1.61
CA LYS B 308 0.50 20.41 1.01
C LYS B 308 0.07 19.53 -0.15
N ILE B 309 -1.24 19.28 -0.24
CA ILE B 309 -1.89 18.73 -1.42
C ILE B 309 -2.49 19.92 -2.16
N VAL B 310 -2.00 20.20 -3.38
CA VAL B 310 -2.51 21.30 -4.20
C VAL B 310 -3.13 20.78 -5.49
N VAL B 311 -4.30 21.33 -5.84
CA VAL B 311 -5.00 20.99 -7.07
C VAL B 311 -4.69 22.08 -8.10
N LYS B 312 -4.07 21.69 -9.20
CA LYS B 312 -3.69 22.62 -10.26
C LYS B 312 -3.94 21.97 -11.62
N HIS B 313 -4.70 22.67 -12.47
CA HIS B 313 -5.19 22.16 -13.76
C HIS B 313 -5.99 20.85 -13.63
N GLY B 314 -6.76 20.74 -12.55
CA GLY B 314 -7.57 19.55 -12.26
C GLY B 314 -6.79 18.31 -11.86
N VAL B 315 -5.51 18.47 -11.51
CA VAL B 315 -4.63 17.36 -11.12
C VAL B 315 -4.19 17.59 -9.68
N LYS B 316 -4.40 16.58 -8.84
CA LYS B 316 -4.14 16.68 -7.41
C LYS B 316 -2.67 16.35 -7.10
N ILE B 317 -1.85 17.39 -7.00
CA ILE B 317 -0.40 17.26 -6.80
C ILE B 317 -0.07 17.15 -5.30
N VAL B 318 0.36 15.98 -4.86
CA VAL B 318 0.59 15.67 -3.45
C VAL B 318 2.07 15.84 -3.13
N GLY B 319 2.37 16.42 -1.98
CA GLY B 319 3.75 16.72 -1.58
C GLY B 319 3.93 16.65 -0.09
N HIS B 320 3.66 15.48 0.49
CA HIS B 320 3.85 15.25 1.92
C HIS B 320 5.35 15.30 2.27
N THR B 321 5.67 15.91 3.41
CA THR B 321 7.02 15.90 3.95
C THR B 321 7.16 14.69 4.86
N ASN B 322 8.39 14.24 5.06
CA ASN B 322 8.69 13.16 6.01
C ASN B 322 7.81 11.94 5.74
N VAL B 323 7.87 11.47 4.50
CA VAL B 323 7.00 10.37 4.06
C VAL B 323 7.22 9.06 4.85
N PRO B 324 8.50 8.71 5.17
CA PRO B 324 8.71 7.56 6.06
C PRO B 324 8.08 7.68 7.46
N SER B 325 7.86 8.91 7.95
CA SER B 325 7.12 9.12 9.21
C SER B 325 5.64 8.72 9.14
N ARG B 326 5.08 8.67 7.93
CA ARG B 326 3.73 8.13 7.72
C ARG B 326 3.68 6.61 8.00
N VAL B 327 4.84 5.95 7.96
CA VAL B 327 5.02 4.57 8.42
C VAL B 327 5.97 4.52 9.64
N ALA B 328 5.77 5.44 10.59
CA ALA B 328 6.69 5.64 11.73
C ALA B 328 6.96 4.42 12.61
N ALA B 329 5.96 3.55 12.77
CA ALA B 329 6.09 2.41 13.67
C ALA B 329 6.96 1.27 13.11
N ASP B 330 6.99 1.10 11.79
CA ASP B 330 7.97 0.22 11.11
C ASP B 330 9.29 0.95 10.82
N ALA B 331 9.19 2.21 10.42
CA ALA B 331 10.36 3.02 10.05
C ALA B 331 11.38 3.22 11.18
N SER B 332 10.88 3.46 12.38
CA SER B 332 11.73 3.75 13.55
C SER B 332 12.68 2.60 13.97
N PRO B 333 12.15 1.38 14.21
CA PRO B 333 13.07 0.27 14.55
C PRO B 333 14.05 -0.12 13.45
N LEU B 334 13.66 0.06 12.18
CA LEU B 334 14.59 -0.13 11.06
C LEU B 334 15.70 0.92 11.09
N PHE B 335 15.35 2.18 11.36
CA PHE B 335 16.31 3.26 11.53
C PHE B 335 17.26 3.01 12.72
N ALA B 336 16.70 2.57 13.84
CA ALA B 336 17.49 2.23 15.03
C ALA B 336 18.48 1.09 14.77
N LYS B 337 18.02 0.06 14.07
CA LYS B 337 18.90 -1.05 13.63
C LYS B 337 20.05 -0.60 12.74
N ASN B 338 19.79 0.34 11.83
CA ASN B 338 20.83 0.88 10.95
C ASN B 338 21.94 1.56 11.75
N LEU B 339 21.54 2.41 12.70
CA LEU B 339 22.48 3.10 13.57
C LEU B 339 23.23 2.15 14.51
N LEU B 340 22.58 1.08 14.95
CA LEU B 340 23.24 0.04 15.74
C LEU B 340 24.31 -0.67 14.93
N ASN B 341 23.93 -1.13 13.73
CA ASN B 341 24.85 -1.85 12.84
C ASN B 341 26.04 -1.01 12.38
N PHE B 342 25.83 0.29 12.23
CA PHE B 342 26.93 1.22 11.96
C PHE B 342 27.92 1.28 13.13
N LEU B 343 27.38 1.37 14.34
CA LEU B 343 28.18 1.61 15.54
C LEU B 343 28.86 0.37 16.12
N THR B 344 28.14 -0.76 16.10
CA THR B 344 28.56 -2.01 16.79
C THR B 344 30.02 -2.45 16.55
N PRO B 345 30.50 -2.43 15.28
CA PRO B 345 31.90 -2.84 15.04
C PRO B 345 32.98 -1.92 15.61
N HIS B 346 32.62 -0.71 16.04
CA HIS B 346 33.57 0.24 16.62
C HIS B 346 33.57 0.27 18.16
N VAL B 347 32.73 -0.55 18.79
CA VAL B 347 32.65 -0.60 20.25
C VAL B 347 33.66 -1.62 20.79
N ASP B 348 34.37 -1.24 21.86
CA ASP B 348 35.30 -2.13 22.55
C ASP B 348 34.55 -2.96 23.61
N LYS B 349 34.46 -4.26 23.37
CA LYS B 349 33.74 -5.20 24.25
C LYS B 349 34.33 -5.27 25.67
N ASP B 350 35.66 -5.20 25.77
CA ASP B 350 36.36 -5.33 27.05
C ASP B 350 36.26 -4.06 27.90
N THR B 351 36.80 -2.96 27.40
CA THR B 351 36.87 -1.70 28.16
C THR B 351 35.57 -0.87 28.19
N LYS B 352 34.61 -1.21 27.33
CA LYS B 352 33.34 -0.45 27.16
C LYS B 352 33.62 1.01 26.77
N THR B 353 34.24 1.16 25.60
CA THR B 353 34.59 2.46 25.03
C THR B 353 34.46 2.42 23.50
N LEU B 354 34.20 3.59 22.90
CA LEU B 354 33.97 3.70 21.46
C LEU B 354 35.24 4.14 20.75
N VAL B 355 35.77 3.28 19.88
CA VAL B 355 37.00 3.55 19.11
C VAL B 355 36.72 3.27 17.64
N MET B 356 36.54 4.34 16.87
CA MET B 356 36.11 4.25 15.48
C MET B 356 37.25 3.80 14.57
N LYS B 357 36.95 2.90 13.64
CA LYS B 357 37.87 2.55 12.56
C LYS B 357 37.83 3.75 11.60
N LEU B 358 38.86 4.59 11.63
CA LEU B 358 38.89 5.80 10.79
C LEU B 358 39.12 5.52 9.30
N GLU B 359 39.84 4.44 8.98
CA GLU B 359 40.10 4.04 7.59
C GLU B 359 38.92 3.32 6.92
N ASP B 360 37.95 2.89 7.71
CA ASP B 360 36.75 2.20 7.24
C ASP B 360 35.93 3.11 6.31
N GLU B 361 35.62 2.61 5.11
CA GLU B 361 34.90 3.35 4.06
C GLU B 361 33.51 3.84 4.52
N THR B 362 32.85 3.00 5.32
CA THR B 362 31.63 3.37 6.03
C THR B 362 31.81 4.64 6.89
N VAL B 363 32.93 4.73 7.62
CA VAL B 363 33.18 5.81 8.57
C VAL B 363 33.74 7.07 7.91
N SER B 364 34.72 6.91 7.02
CA SER B 364 35.34 8.04 6.32
C SER B 364 34.37 8.70 5.36
N GLY B 365 33.62 7.88 4.62
CA GLY B 365 32.62 8.36 3.66
C GLY B 365 31.43 9.09 4.27
N THR B 366 31.12 8.78 5.54
CA THR B 366 29.97 9.37 6.23
C THR B 366 30.34 10.50 7.23
N CYS B 367 31.59 10.56 7.67
CA CYS B 367 32.02 11.56 8.66
C CYS B 367 32.12 12.95 8.06
N VAL B 368 31.46 13.91 8.69
CA VAL B 368 31.39 15.29 8.20
C VAL B 368 32.29 16.24 8.99
N THR B 369 32.32 16.10 10.31
CA THR B 369 33.19 16.91 11.17
C THR B 369 33.65 16.11 12.39
N ARG B 370 34.79 16.49 12.96
CA ARG B 370 35.37 15.81 14.12
C ARG B 370 36.33 16.72 14.88
N ASP B 371 36.10 16.86 16.19
CA ASP B 371 36.93 17.67 17.11
C ASP B 371 37.09 19.14 16.69
N GLY B 372 36.06 19.70 16.06
CA GLY B 372 36.08 21.09 15.59
C GLY B 372 36.72 21.37 14.25
N ALA B 373 36.72 20.38 13.34
CA ALA B 373 37.24 20.57 11.98
C ALA B 373 36.40 19.79 10.98
N ILE B 374 36.00 20.44 9.88
CA ILE B 374 35.19 19.81 8.83
C ILE B 374 36.09 18.92 7.98
N VAL B 375 35.88 17.61 8.07
CA VAL B 375 36.77 16.60 7.47
C VAL B 375 36.39 16.23 6.04
N HIS B 376 35.09 16.14 5.75
CA HIS B 376 34.60 15.59 4.48
C HIS B 376 35.05 16.46 3.30
N PRO B 377 35.57 15.84 2.22
CA PRO B 377 36.08 16.64 1.08
C PRO B 377 35.01 17.42 0.30
N ALA B 378 33.77 16.92 0.31
CA ALA B 378 32.64 17.60 -0.32
C ALA B 378 32.36 19.00 0.24
N LEU B 379 32.59 19.17 1.54
CA LEU B 379 32.41 20.47 2.21
C LEU B 379 33.73 21.18 2.50
N THR B 380 34.67 21.14 1.54
CA THR B 380 35.93 21.87 1.61
C THR B 380 36.27 22.39 0.22
N SER C 1 37.70 -25.20 -13.67
CA SER C 1 36.97 -26.51 -13.66
C SER C 1 35.59 -26.38 -12.99
N VAL C 2 34.55 -26.14 -13.80
CA VAL C 2 33.17 -26.09 -13.31
C VAL C 2 32.46 -27.39 -13.63
N LYS C 3 31.73 -27.93 -12.64
CA LYS C 3 30.92 -29.13 -12.80
C LYS C 3 29.51 -28.75 -13.30
N ALA C 4 29.36 -28.64 -14.61
CA ALA C 4 28.08 -28.26 -15.24
C ALA C 4 27.10 -29.42 -15.24
N GLY C 5 25.80 -29.09 -15.25
CA GLY C 5 24.74 -30.10 -15.21
C GLY C 5 23.49 -29.68 -15.97
N SER C 6 22.64 -30.67 -16.27
CA SER C 6 21.42 -30.47 -17.04
C SER C 6 20.19 -30.46 -16.12
N ALA C 7 19.01 -30.33 -16.72
CA ALA C 7 17.74 -30.39 -15.98
C ALA C 7 17.45 -31.77 -15.42
N GLU C 8 17.72 -32.81 -16.21
CA GLU C 8 17.59 -34.20 -15.77
C GLU C 8 18.54 -34.54 -14.61
N ASP C 9 19.71 -33.93 -14.59
CA ASP C 9 20.66 -34.08 -13.48
C ASP C 9 20.12 -33.48 -12.18
N ALA C 10 19.59 -32.25 -12.27
CA ALA C 10 18.97 -31.58 -11.12
C ALA C 10 17.67 -32.24 -10.64
N ALA C 11 17.01 -32.98 -11.53
CA ALA C 11 15.79 -33.73 -11.20
C ALA C 11 16.09 -34.89 -10.26
N PHE C 12 17.11 -35.69 -10.60
CA PHE C 12 17.51 -36.82 -9.76
C PHE C 12 17.97 -36.36 -8.37
N ILE C 13 18.80 -35.32 -8.33
CA ILE C 13 19.38 -34.81 -7.08
C ILE C 13 18.33 -34.52 -6.02
N MET C 14 17.26 -33.83 -6.42
CA MET C 14 16.23 -33.35 -5.49
C MET C 14 15.05 -34.31 -5.32
N LYS C 15 14.80 -35.16 -6.31
CA LYS C 15 13.86 -36.28 -6.15
C LYS C 15 14.27 -37.21 -5.01
N ASN C 16 15.57 -37.50 -4.93
CA ASN C 16 16.14 -38.40 -3.92
C ASN C 16 16.73 -37.63 -2.73
N ALA C 17 15.96 -36.68 -2.21
CA ALA C 17 16.39 -35.83 -1.09
C ALA C 17 15.28 -35.71 -0.06
N SER C 18 15.66 -35.50 1.20
CA SER C 18 14.69 -35.36 2.32
C SER C 18 14.33 -33.90 2.59
N LYS C 19 15.34 -33.03 2.57
CA LYS C 19 15.18 -31.61 2.89
C LYS C 19 15.84 -30.71 1.83
N VAL C 20 15.10 -29.71 1.35
CA VAL C 20 15.56 -28.79 0.29
C VAL C 20 15.30 -27.33 0.71
N ILE C 21 16.34 -26.51 0.72
CA ILE C 21 16.22 -25.08 1.04
C ILE C 21 16.40 -24.25 -0.24
N ILE C 22 15.31 -23.64 -0.69
CA ILE C 22 15.32 -22.80 -1.90
C ILE C 22 15.88 -21.42 -1.56
N VAL C 23 16.89 -20.98 -2.33
CA VAL C 23 17.55 -19.68 -2.12
C VAL C 23 17.32 -18.82 -3.37
N PRO C 24 16.27 -17.98 -3.35
CA PRO C 24 15.98 -17.12 -4.50
C PRO C 24 16.71 -15.78 -4.46
N GLY C 25 17.07 -15.25 -5.62
CA GLY C 25 17.75 -13.95 -5.74
C GLY C 25 17.34 -13.23 -7.01
N TYR C 26 18.08 -12.17 -7.34
CA TYR C 26 17.70 -11.24 -8.43
C TYR C 26 17.39 -11.90 -9.77
N GLY C 27 18.13 -12.95 -10.13
CA GLY C 27 17.91 -13.67 -11.40
C GLY C 27 16.54 -14.30 -11.57
N MET C 28 15.95 -14.76 -10.47
CA MET C 28 14.59 -15.28 -10.46
C MET C 28 13.58 -14.19 -10.84
N ALA C 29 13.79 -12.98 -10.31
CA ALA C 29 12.95 -11.83 -10.62
C ALA C 29 13.04 -11.44 -12.10
N VAL C 30 14.26 -11.42 -12.64
CA VAL C 30 14.49 -11.05 -14.06
C VAL C 30 13.78 -12.05 -14.98
N ALA C 31 14.02 -13.34 -14.73
CA ALA C 31 13.38 -14.42 -15.47
C ALA C 31 11.87 -14.52 -15.20
N GLN C 32 11.43 -14.05 -14.04
CA GLN C 32 10.04 -14.13 -13.60
C GLN C 32 9.66 -15.61 -13.47
N ALA C 33 10.44 -16.30 -12.65
CA ALA C 33 10.39 -17.76 -12.50
C ALA C 33 9.66 -18.20 -11.24
N GLN C 34 8.77 -17.36 -10.73
CA GLN C 34 8.18 -17.54 -9.40
C GLN C 34 7.18 -18.66 -9.37
N HIS C 35 6.33 -18.71 -10.40
CA HIS C 35 5.24 -19.66 -10.47
C HIS C 35 5.77 -21.06 -10.76
N ALA C 36 6.82 -21.17 -11.59
CA ALA C 36 7.52 -22.44 -11.83
C ALA C 36 8.25 -22.95 -10.59
N LEU C 37 8.81 -22.01 -9.81
CA LEU C 37 9.52 -22.34 -8.57
C LEU C 37 8.59 -22.88 -7.49
N ARG C 38 7.44 -22.23 -7.35
CA ARG C 38 6.40 -22.67 -6.39
C ARG C 38 5.72 -23.96 -6.87
N GLU C 39 5.60 -24.14 -8.18
CA GLU C 39 5.09 -25.40 -8.75
C GLU C 39 6.08 -26.54 -8.50
N MET C 40 7.37 -26.26 -8.65
CA MET C 40 8.43 -27.22 -8.32
C MET C 40 8.39 -27.57 -6.84
N ALA C 41 8.17 -26.57 -5.99
CA ALA C 41 8.03 -26.79 -4.54
C ALA C 41 6.85 -27.71 -4.19
N ASP C 42 5.76 -27.62 -4.95
CA ASP C 42 4.59 -28.48 -4.75
C ASP C 42 4.88 -29.96 -5.07
N VAL C 43 5.59 -30.22 -6.16
CA VAL C 43 5.89 -31.59 -6.58
C VAL C 43 6.91 -32.27 -5.64
N LEU C 44 7.83 -31.49 -5.08
CA LEU C 44 8.73 -31.98 -4.02
C LEU C 44 7.93 -32.35 -2.77
N LYS C 45 7.10 -31.42 -2.29
CA LYS C 45 6.23 -31.67 -1.14
C LYS C 45 5.26 -32.83 -1.33
N LYS C 46 4.77 -33.00 -2.57
CA LYS C 46 3.86 -34.09 -2.92
C LYS C 46 4.44 -35.46 -2.58
N GLU C 47 5.73 -35.66 -2.83
CA GLU C 47 6.45 -36.88 -2.44
C GLU C 47 7.26 -36.73 -1.13
N GLY C 48 6.71 -36.01 -0.16
CA GLY C 48 7.22 -35.99 1.21
C GLY C 48 8.49 -35.20 1.51
N VAL C 49 8.96 -34.40 0.56
CA VAL C 49 10.22 -33.64 0.74
C VAL C 49 9.95 -32.34 1.52
N GLU C 50 10.78 -32.05 2.52
CA GLU C 50 10.66 -30.81 3.29
C GLU C 50 11.19 -29.63 2.47
N VAL C 51 10.34 -28.65 2.22
CA VAL C 51 10.70 -27.48 1.42
C VAL C 51 10.60 -26.22 2.28
N SER C 52 11.54 -25.30 2.06
CA SER C 52 11.54 -24.00 2.73
C SER C 52 12.32 -22.98 1.90
N TYR C 53 11.98 -21.71 2.05
CA TYR C 53 12.62 -20.63 1.29
C TYR C 53 13.51 -19.83 2.23
N ALA C 54 14.68 -19.41 1.73
CA ALA C 54 15.65 -18.63 2.50
C ALA C 54 15.91 -17.28 1.82
N ILE C 55 15.31 -16.22 2.37
CA ILE C 55 15.40 -14.88 1.78
C ILE C 55 16.48 -14.07 2.48
N HIS C 56 17.56 -13.77 1.75
CA HIS C 56 18.64 -12.95 2.28
C HIS C 56 18.18 -11.49 2.34
N PRO C 57 18.55 -10.74 3.40
CA PRO C 57 18.12 -9.33 3.55
C PRO C 57 18.30 -8.41 2.34
N VAL C 58 19.42 -8.55 1.62
CA VAL C 58 19.68 -7.76 0.40
C VAL C 58 19.39 -8.50 -0.91
N ALA C 59 18.67 -9.63 -0.87
CA ALA C 59 18.37 -10.36 -2.09
C ALA C 59 17.56 -9.50 -3.07
N GLY C 60 17.94 -9.52 -4.34
CA GLY C 60 17.28 -8.70 -5.37
C GLY C 60 17.90 -7.32 -5.51
N ARG C 61 17.09 -6.38 -6.00
CA ARG C 61 17.50 -4.99 -6.21
C ARG C 61 16.66 -3.99 -5.40
N MET C 62 15.99 -4.49 -4.36
CA MET C 62 15.21 -3.66 -3.46
C MET C 62 14.88 -4.49 -2.23
N PRO C 63 14.69 -3.84 -1.07
CA PRO C 63 14.24 -4.60 0.10
C PRO C 63 12.91 -5.31 -0.14
N GLY C 64 12.88 -6.62 0.11
CA GLY C 64 11.69 -7.44 -0.11
C GLY C 64 11.33 -7.72 -1.56
N HIS C 65 12.35 -7.81 -2.43
CA HIS C 65 12.15 -8.14 -3.84
C HIS C 65 11.62 -9.57 -3.99
N MET C 66 12.23 -10.51 -3.28
CA MET C 66 11.81 -11.91 -3.35
C MET C 66 10.44 -12.13 -2.69
N ASN C 67 10.15 -11.38 -1.63
CA ASN C 67 8.90 -11.56 -0.87
C ASN C 67 7.64 -11.21 -1.67
N VAL C 68 7.66 -10.09 -2.39
CA VAL C 68 6.52 -9.71 -3.23
C VAL C 68 6.29 -10.67 -4.40
N LEU C 69 7.39 -11.13 -5.01
CA LEU C 69 7.34 -12.04 -6.14
C LEU C 69 6.91 -13.46 -5.73
N LEU C 70 7.34 -13.89 -4.54
CA LEU C 70 6.91 -15.16 -3.98
C LEU C 70 5.44 -15.14 -3.51
N ALA C 71 5.00 -13.99 -2.99
CA ALA C 71 3.58 -13.79 -2.65
C ALA C 71 2.68 -13.83 -3.88
N GLU C 72 3.16 -13.29 -5.00
CA GLU C 72 2.47 -13.39 -6.30
C GLU C 72 2.27 -14.86 -6.72
N ALA C 73 3.25 -15.72 -6.42
CA ALA C 73 3.18 -17.15 -6.73
C ALA C 73 2.45 -17.99 -5.66
N ASN C 74 1.94 -17.36 -4.60
CA ASN C 74 1.21 -18.05 -3.52
C ASN C 74 2.02 -19.11 -2.77
N VAL C 75 3.27 -18.78 -2.42
CA VAL C 75 4.01 -19.62 -1.48
C VAL C 75 3.44 -19.29 -0.10
N PRO C 76 3.21 -20.32 0.75
CA PRO C 76 2.80 -20.00 2.12
C PRO C 76 3.87 -19.22 2.89
N TYR C 77 3.45 -18.23 3.69
CA TYR C 77 4.38 -17.45 4.52
C TYR C 77 5.16 -18.29 5.54
N ASP C 78 4.52 -19.34 6.07
CA ASP C 78 5.17 -20.24 7.04
C ASP C 78 6.31 -21.11 6.47
N GLU C 79 6.46 -21.15 5.15
CA GLU C 79 7.62 -21.73 4.48
C GLU C 79 8.76 -20.74 4.17
N VAL C 80 8.49 -19.43 4.31
CA VAL C 80 9.48 -18.37 4.06
C VAL C 80 10.20 -17.98 5.35
N PHE C 81 11.53 -17.88 5.30
CA PHE C 81 12.35 -17.62 6.50
C PHE C 81 13.44 -16.55 6.28
N GLU C 82 13.72 -15.77 7.32
CA GLU C 82 14.83 -14.82 7.34
C GLU C 82 16.16 -15.54 7.57
N LEU C 83 17.25 -14.83 7.30
CA LEU C 83 18.61 -15.38 7.40
C LEU C 83 18.91 -16.05 8.75
N GLU C 84 18.59 -15.36 9.84
CA GLU C 84 18.88 -15.86 11.19
C GLU C 84 18.04 -17.07 11.61
N GLU C 85 16.80 -17.15 11.13
CA GLU C 85 15.95 -18.32 11.39
C GLU C 85 16.48 -19.60 10.72
N ILE C 86 16.88 -19.50 9.46
CA ILE C 86 17.12 -20.67 8.60
C ILE C 86 18.59 -21.11 8.43
N ASN C 87 19.54 -20.22 8.67
CA ASN C 87 20.98 -20.54 8.46
C ASN C 87 21.47 -21.83 9.10
N SER C 88 20.94 -22.16 10.28
CA SER C 88 21.25 -23.43 10.96
C SER C 88 20.82 -24.67 10.19
N SER C 89 19.72 -24.55 9.42
CA SER C 89 19.12 -25.68 8.70
C SER C 89 19.90 -26.16 7.48
N PHE C 90 20.87 -25.38 6.99
CA PHE C 90 21.68 -25.77 5.83
C PHE C 90 22.54 -27.01 6.11
N GLN C 91 22.99 -27.17 7.36
CA GLN C 91 23.69 -28.38 7.78
C GLN C 91 22.90 -29.68 7.56
N THR C 92 21.59 -29.63 7.86
CA THR C 92 20.69 -30.77 7.68
C THR C 92 20.01 -30.81 6.29
N ALA C 93 20.33 -29.85 5.42
CA ALA C 93 19.71 -29.77 4.10
C ALA C 93 20.50 -30.60 3.10
N ASP C 94 19.79 -31.46 2.36
CA ASP C 94 20.40 -32.25 1.29
C ASP C 94 20.77 -31.35 0.12
N VAL C 95 19.87 -30.44 -0.24
CA VAL C 95 20.07 -29.54 -1.38
C VAL C 95 19.82 -28.07 -1.01
N ALA C 96 20.72 -27.20 -1.46
CA ALA C 96 20.50 -25.76 -1.50
C ALA C 96 20.20 -25.37 -2.95
N PHE C 97 18.91 -25.17 -3.25
CA PHE C 97 18.48 -24.83 -4.61
C PHE C 97 18.58 -23.32 -4.82
N VAL C 98 19.74 -22.90 -5.32
CA VAL C 98 20.07 -21.48 -5.48
C VAL C 98 19.56 -21.01 -6.85
N ILE C 99 18.44 -20.30 -6.86
CA ILE C 99 17.79 -19.87 -8.11
C ILE C 99 18.02 -18.37 -8.38
N GLY C 100 18.95 -18.08 -9.29
CA GLY C 100 19.27 -16.71 -9.67
C GLY C 100 19.89 -15.86 -8.58
N ALA C 101 20.59 -16.48 -7.64
CA ALA C 101 21.30 -15.78 -6.56
C ALA C 101 22.80 -16.04 -6.65
N ASN C 102 23.60 -15.11 -6.14
CA ASN C 102 25.05 -15.17 -6.23
C ASN C 102 25.72 -14.51 -5.03
N ASP C 103 25.71 -13.17 -4.97
CA ASP C 103 26.39 -12.42 -3.90
C ASP C 103 25.82 -12.75 -2.51
N VAL C 104 24.54 -13.10 -2.49
CA VAL C 104 23.85 -13.64 -1.32
C VAL C 104 24.57 -14.85 -0.65
N THR C 105 25.20 -15.71 -1.46
CA THR C 105 25.88 -16.92 -0.96
C THR C 105 27.42 -16.83 -0.85
N ASN C 106 28.01 -15.74 -1.33
CA ASN C 106 29.45 -15.67 -1.58
C ASN C 106 30.31 -15.68 -0.30
N PRO C 107 31.13 -16.73 -0.09
CA PRO C 107 31.97 -16.81 1.11
C PRO C 107 33.19 -15.87 1.14
N ALA C 108 33.40 -15.08 0.09
CA ALA C 108 34.32 -13.94 0.14
C ALA C 108 33.89 -12.88 1.18
N ALA C 109 32.62 -12.88 1.57
CA ALA C 109 32.13 -12.08 2.69
C ALA C 109 32.79 -12.43 4.04
N LYS C 110 33.03 -13.72 4.27
CA LYS C 110 33.63 -14.18 5.54
C LYS C 110 35.10 -14.56 5.43
N THR C 111 35.49 -15.23 4.34
CA THR C 111 36.83 -15.82 4.19
C THR C 111 37.89 -14.85 3.60
N ASP C 112 37.45 -13.84 2.85
CA ASP C 112 38.32 -13.00 2.04
C ASP C 112 38.30 -11.53 2.53
N PRO C 113 39.24 -11.13 3.41
CA PRO C 113 39.39 -9.72 3.86
C PRO C 113 39.42 -8.67 2.75
N SER C 114 40.15 -8.96 1.67
CA SER C 114 40.29 -8.04 0.54
C SER C 114 39.05 -7.90 -0.36
N SER C 115 38.02 -8.71 -0.13
CA SER C 115 36.76 -8.62 -0.86
C SER C 115 35.97 -7.34 -0.50
N PRO C 116 35.23 -6.75 -1.47
CA PRO C 116 34.38 -5.60 -1.15
C PRO C 116 33.16 -5.91 -0.28
N ILE C 117 32.67 -7.15 -0.32
CA ILE C 117 31.49 -7.59 0.45
C ILE C 117 31.85 -8.17 1.85
N TYR C 118 33.08 -7.93 2.30
CA TYR C 118 33.61 -8.50 3.54
C TYR C 118 32.88 -7.96 4.77
N GLY C 119 32.35 -8.86 5.60
CA GLY C 119 31.63 -8.48 6.82
C GLY C 119 30.12 -8.68 6.76
N MET C 120 29.56 -8.77 5.55
CA MET C 120 28.12 -9.02 5.40
C MET C 120 27.80 -10.47 5.73
N PRO C 121 26.84 -10.72 6.64
CA PRO C 121 26.36 -12.09 6.81
C PRO C 121 25.75 -12.67 5.54
N ILE C 122 26.01 -13.94 5.28
CA ILE C 122 25.54 -14.63 4.07
C ILE C 122 24.78 -15.90 4.44
N LEU C 123 24.09 -16.47 3.46
CA LEU C 123 23.45 -17.77 3.62
C LEU C 123 24.49 -18.88 3.42
N ASP C 124 24.63 -19.77 4.40
CA ASP C 124 25.64 -20.84 4.38
C ASP C 124 25.19 -22.03 3.54
N VAL C 125 25.03 -21.82 2.23
CA VAL C 125 24.57 -22.87 1.31
C VAL C 125 25.60 -23.99 1.14
N GLU C 126 26.89 -23.65 1.23
CA GLU C 126 27.99 -24.63 1.12
C GLU C 126 27.89 -25.79 2.11
N LYS C 127 27.33 -25.53 3.29
CA LYS C 127 27.10 -26.56 4.29
C LYS C 127 26.04 -27.61 3.92
N ALA C 128 25.24 -27.36 2.89
CA ALA C 128 24.31 -28.35 2.36
C ALA C 128 25.03 -29.45 1.58
N GLY C 129 24.30 -30.53 1.31
CA GLY C 129 24.84 -31.72 0.63
C GLY C 129 25.29 -31.46 -0.80
N THR C 130 24.37 -30.92 -1.62
CA THR C 130 24.70 -30.48 -2.98
C THR C 130 24.10 -29.09 -3.26
N VAL C 131 24.95 -28.17 -3.72
CA VAL C 131 24.53 -26.78 -4.01
C VAL C 131 24.21 -26.64 -5.50
N LEU C 132 22.96 -26.33 -5.82
CA LEU C 132 22.52 -26.13 -7.22
C LEU C 132 22.41 -24.63 -7.52
N PHE C 133 23.28 -24.14 -8.38
CA PHE C 133 23.24 -22.75 -8.86
C PHE C 133 22.62 -22.66 -10.25
N ILE C 134 21.46 -21.99 -10.35
CA ILE C 134 20.86 -21.68 -11.64
C ILE C 134 21.24 -20.26 -12.05
N LYS C 135 21.91 -20.14 -13.20
CA LYS C 135 22.28 -18.83 -13.76
C LYS C 135 22.71 -19.04 -15.21
N ARG C 136 22.58 -18.00 -16.03
CA ARG C 136 22.80 -18.13 -17.48
C ARG C 136 24.24 -18.36 -17.90
N SER C 137 25.19 -17.83 -17.11
CA SER C 137 26.61 -17.85 -17.46
C SER C 137 27.46 -17.90 -16.20
N MET C 138 28.77 -17.65 -16.36
CA MET C 138 29.69 -17.48 -15.23
C MET C 138 29.85 -16.01 -14.81
N ALA C 139 28.94 -15.14 -15.25
CA ALA C 139 29.01 -13.72 -14.91
C ALA C 139 28.73 -13.50 -13.42
N SER C 140 29.36 -12.47 -12.87
CA SER C 140 29.23 -12.12 -11.46
C SER C 140 27.91 -11.40 -11.19
N GLY C 141 27.59 -11.27 -9.91
CA GLY C 141 26.43 -10.50 -9.46
C GLY C 141 26.75 -9.03 -9.37
N TYR C 142 25.92 -8.30 -8.62
CA TYR C 142 26.01 -6.85 -8.48
C TYR C 142 27.38 -6.35 -7.97
N ALA C 143 27.94 -7.06 -7.00
CA ALA C 143 29.21 -6.66 -6.37
C ALA C 143 30.43 -6.77 -7.30
N GLY C 144 30.32 -7.53 -8.40
CA GLY C 144 31.36 -7.63 -9.40
C GLY C 144 32.55 -8.49 -8.98
N VAL C 145 32.26 -9.60 -8.29
CA VAL C 145 33.30 -10.48 -7.73
C VAL C 145 33.00 -11.96 -8.01
N GLU C 146 34.05 -12.76 -8.06
CA GLU C 146 33.90 -14.21 -8.30
C GLU C 146 33.34 -14.92 -7.06
N ASN C 147 32.70 -16.05 -7.29
CA ASN C 147 32.20 -16.92 -6.23
C ASN C 147 32.95 -18.25 -6.29
N GLU C 148 33.71 -18.55 -5.24
CA GLU C 148 34.50 -19.78 -5.19
C GLU C 148 33.62 -21.04 -5.07
N LEU C 149 32.37 -20.88 -4.63
CA LEU C 149 31.43 -21.99 -4.53
C LEU C 149 31.11 -22.65 -5.89
N PHE C 150 31.27 -21.90 -6.98
CA PHE C 150 31.14 -22.46 -8.32
C PHE C 150 32.17 -23.56 -8.60
N PHE C 151 33.38 -23.39 -8.07
CA PHE C 151 34.50 -24.30 -8.33
C PHE C 151 34.74 -25.28 -7.17
N ARG C 152 33.73 -26.11 -6.88
CA ARG C 152 33.92 -27.23 -5.94
C ARG C 152 32.95 -28.39 -6.16
N ASN C 153 33.37 -29.57 -5.68
CA ASN C 153 32.76 -30.85 -6.05
C ASN C 153 31.39 -31.14 -5.42
N ASN C 154 31.00 -30.38 -4.40
CA ASN C 154 29.64 -30.41 -3.87
C ASN C 154 28.68 -29.41 -4.57
N THR C 155 29.13 -28.78 -5.67
CA THR C 155 28.32 -27.79 -6.40
C THR C 155 28.11 -28.20 -7.87
N MET C 156 26.90 -27.94 -8.37
CA MET C 156 26.53 -28.16 -9.78
C MET C 156 26.01 -26.85 -10.38
N MET C 157 26.62 -26.39 -11.47
CA MET C 157 26.09 -25.25 -12.23
C MET C 157 25.01 -25.75 -13.18
N LEU C 158 23.90 -25.01 -13.24
CA LEU C 158 22.77 -25.33 -14.12
C LEU C 158 22.55 -24.14 -15.06
N PHE C 159 23.30 -24.12 -16.15
CA PHE C 159 23.34 -22.97 -17.05
C PHE C 159 22.08 -22.80 -17.89
N GLY C 160 21.35 -21.71 -17.64
CA GLY C 160 20.16 -21.37 -18.42
C GLY C 160 19.32 -20.29 -17.77
N ASP C 161 18.24 -19.90 -18.46
CA ASP C 161 17.24 -18.99 -17.91
C ASP C 161 16.52 -19.67 -16.75
N ALA C 162 16.23 -18.90 -15.71
CA ALA C 162 15.74 -19.46 -14.44
C ALA C 162 14.31 -19.97 -14.53
N LYS C 163 13.51 -19.33 -15.41
CA LYS C 163 12.14 -19.77 -15.66
C LYS C 163 12.16 -21.05 -16.49
N LYS C 164 12.92 -21.04 -17.58
CA LYS C 164 13.03 -22.19 -18.49
C LYS C 164 13.65 -23.40 -17.79
N MET C 165 14.75 -23.19 -17.08
CA MET C 165 15.45 -24.28 -16.38
C MET C 165 14.60 -24.93 -15.28
N THR C 166 13.86 -24.12 -14.53
CA THR C 166 12.96 -24.63 -13.48
C THR C 166 11.81 -25.42 -14.09
N GLU C 167 11.24 -24.89 -15.18
CA GLU C 167 10.21 -25.60 -15.96
C GLU C 167 10.73 -26.94 -16.51
N GLN C 168 11.97 -26.92 -17.03
CA GLN C 168 12.64 -28.14 -17.50
C GLN C 168 12.85 -29.17 -16.39
N ILE C 169 13.17 -28.70 -15.17
CA ILE C 169 13.31 -29.57 -14.00
C ILE C 169 11.97 -30.18 -13.57
N VAL C 170 10.90 -29.40 -13.59
CA VAL C 170 9.56 -29.89 -13.26
C VAL C 170 9.07 -30.95 -14.24
N GLN C 171 9.39 -30.78 -15.52
CA GLN C 171 9.09 -31.80 -16.55
C GLN C 171 9.94 -33.06 -16.42
N ALA C 172 11.20 -32.89 -16.00
CA ALA C 172 12.10 -34.02 -15.72
C ALA C 172 11.66 -34.82 -14.50
N MET C 173 11.03 -34.14 -13.53
CA MET C 173 10.31 -34.79 -12.43
C MET C 173 8.92 -35.21 -12.91
N ASN C 174 8.21 -35.96 -12.08
CA ASN C 174 6.84 -36.40 -12.39
C ASN C 174 5.93 -36.26 -11.17
#